data_6VGC
#
_entry.id   6VGC
#
_cell.length_a   65.911
_cell.length_b   101.488
_cell.length_c   111.864
_cell.angle_alpha   90.000
_cell.angle_beta   99.830
_cell.angle_gamma   90.000
#
_symmetry.space_group_name_H-M   'P 1 21 1'
#
loop_
_entity.id
_entity.type
_entity.pdbx_description
1 polymer '5-lipoxygenase-activating protein'
2 non-polymer '(2R)-cyclopentyl{4-[(quinolin-2-yl)methoxy]phenyl}acetic acid'
3 non-polymer 'CALCIUM ION'
4 non-polymer 'octyl beta-D-glucopyranoside'
5 water water
#
_entity_poly.entity_id   1
_entity_poly.type   'polypeptide(L)'
_entity_poly.pdbx_seq_one_letter_code
;MSLDQETVGNVVLLAIVTLISVVQNGFFAHKVEHESRTQNGRSFQRTGTLAFERVYTANQNCVDAYPTFLAVLWSAGLLC
SQVPAAFAGLMYLFVRQKYFVGYLGERTQSTPGYIFGKRIILFLFLMSVAGIFNYYLIFFFGSDFENYIATISTTISPLL
LIPEGHHHHHH
;
_entity_poly.pdbx_strand_id   A,B,C,D,E,F
#
loop_
_chem_comp.id
_chem_comp.type
_chem_comp.name
_chem_comp.formula
BOG D-saccharide 'octyl beta-D-glucopyranoside' 'C14 H28 O6'
CA non-polymer 'CALCIUM ION' 'Ca 2'
QY1 non-polymer '(2R)-cyclopentyl{4-[(quinolin-2-yl)methoxy]phenyl}acetic acid' 'C23 H23 N O3'
#
# COMPACT_ATOMS: atom_id res chain seq x y z
N SER A 2 6.30 5.80 -10.59
CA SER A 2 5.22 6.31 -9.69
C SER A 2 5.00 5.41 -8.47
N LEU A 3 5.15 4.10 -8.66
CA LEU A 3 4.96 3.11 -7.60
C LEU A 3 6.05 3.20 -6.52
N ASP A 4 5.70 2.78 -5.31
CA ASP A 4 6.61 2.83 -4.16
C ASP A 4 7.71 1.77 -4.21
N GLN A 5 8.73 1.95 -3.39
CA GLN A 5 9.96 1.15 -3.42
C GLN A 5 9.74 -0.36 -3.17
N GLU A 6 8.86 -0.69 -2.24
CA GLU A 6 8.59 -2.08 -1.86
C GLU A 6 7.92 -2.87 -2.98
N THR A 7 6.99 -2.22 -3.68
CA THR A 7 6.24 -2.83 -4.78
C THR A 7 7.12 -3.07 -6.02
N VAL A 8 8.00 -2.10 -6.32
CA VAL A 8 8.92 -2.23 -7.44
C VAL A 8 9.91 -3.37 -7.21
N GLY A 9 10.34 -3.54 -5.96
CA GLY A 9 11.17 -4.68 -5.56
C GLY A 9 10.52 -6.03 -5.75
N ASN A 10 9.18 -6.05 -5.78
CA ASN A 10 8.44 -7.28 -6.04
C ASN A 10 8.20 -7.57 -7.52
N VAL A 11 8.51 -6.59 -8.38
CA VAL A 11 8.28 -6.73 -9.82
C VAL A 11 9.52 -6.46 -10.69
N VAL A 12 10.56 -5.89 -10.09
CA VAL A 12 11.75 -5.46 -10.84
C VAL A 12 12.37 -6.54 -11.74
N LEU A 13 12.45 -7.77 -11.23
CA LEU A 13 13.01 -8.88 -12.00
C LEU A 13 12.12 -9.28 -13.17
N LEU A 14 10.81 -9.36 -12.91
CA LEU A 14 9.82 -9.63 -13.95
C LEU A 14 9.82 -8.54 -15.02
N ALA A 15 9.96 -7.28 -14.57
CA ALA A 15 10.04 -6.13 -15.47
C ALA A 15 11.25 -6.21 -16.40
N ILE A 16 12.41 -6.57 -15.84
CA ILE A 16 13.64 -6.73 -16.62
C ILE A 16 13.48 -7.82 -17.67
N VAL A 17 12.95 -8.97 -17.26
CA VAL A 17 12.69 -10.08 -18.16
C VAL A 17 11.72 -9.68 -19.28
N THR A 18 10.72 -8.87 -18.95
CA THR A 18 9.74 -8.38 -19.92
C THR A 18 10.40 -7.43 -20.92
N LEU A 19 11.28 -6.57 -20.44
CA LEU A 19 12.02 -5.65 -21.32
C LEU A 19 12.97 -6.37 -22.27
N ILE A 20 13.61 -7.44 -21.81
CA ILE A 20 14.49 -8.26 -22.65
C ILE A 20 13.67 -8.94 -23.77
N SER A 21 12.47 -9.40 -23.43
CA SER A 21 11.56 -9.99 -24.41
C SER A 21 11.13 -8.97 -25.47
N VAL A 22 10.95 -7.72 -25.07
CA VAL A 22 10.64 -6.61 -25.97
C VAL A 22 11.78 -6.41 -26.99
N VAL A 23 13.02 -6.40 -26.51
CA VAL A 23 14.19 -6.31 -27.39
C VAL A 23 14.17 -7.48 -28.37
N GLN A 24 13.89 -8.68 -27.86
CA GLN A 24 13.80 -9.88 -28.69
C GLN A 24 12.66 -9.77 -29.71
N ASN A 25 11.49 -9.28 -29.27
CA ASN A 25 10.37 -9.00 -30.18
C ASN A 25 10.79 -8.06 -31.31
N GLY A 26 11.50 -6.99 -30.94
CA GLY A 26 12.01 -6.02 -31.90
C GLY A 26 12.96 -6.64 -32.91
N PHE A 27 13.85 -7.49 -32.42
CA PHE A 27 14.80 -8.22 -33.25
C PHE A 27 14.11 -9.10 -34.29
N PHE A 28 13.08 -9.82 -33.87
CA PHE A 28 12.29 -10.63 -34.79
C PHE A 28 11.61 -9.76 -35.84
N ALA A 29 11.05 -8.63 -35.39
CA ALA A 29 10.32 -7.71 -36.25
C ALA A 29 11.24 -7.08 -37.31
N HIS A 30 12.43 -6.67 -36.86
CA HIS A 30 13.47 -6.15 -37.74
C HIS A 30 13.82 -7.17 -38.83
N LYS A 31 13.94 -8.43 -38.42
CA LYS A 31 14.28 -9.53 -39.32
C LYS A 31 13.23 -9.73 -40.41
N VAL A 32 11.96 -9.51 -40.06
CA VAL A 32 10.86 -9.55 -41.03
C VAL A 32 10.97 -8.35 -41.99
N GLU A 33 11.16 -7.17 -41.43
CA GLU A 33 11.33 -5.93 -42.21
C GLU A 33 12.46 -6.04 -43.22
N HIS A 34 13.57 -6.64 -42.79
CA HIS A 34 14.75 -6.85 -43.63
C HIS A 34 14.44 -7.70 -44.86
N GLU A 35 13.52 -8.66 -44.69
CA GLU A 35 13.14 -9.57 -45.77
C GLU A 35 11.91 -9.09 -46.54
N SER A 36 11.15 -8.19 -45.94
CA SER A 36 9.93 -7.65 -46.54
C SER A 36 10.24 -6.62 -47.64
N ARG A 37 11.25 -5.79 -47.38
CA ARG A 37 11.65 -4.73 -48.30
C ARG A 37 12.27 -5.28 -49.59
N THR A 38 12.80 -6.51 -49.51
CA THR A 38 13.42 -7.17 -50.64
C THR A 38 12.45 -8.16 -51.30
N THR A 47 1.89 -16.12 -49.93
CA THR A 47 3.05 -17.00 -49.90
C THR A 47 4.12 -16.56 -50.92
N GLY A 48 5.01 -15.67 -50.47
CA GLY A 48 6.04 -15.10 -51.34
C GLY A 48 7.33 -15.90 -51.34
N THR A 49 8.45 -15.19 -51.32
CA THR A 49 9.79 -15.81 -51.34
C THR A 49 9.97 -16.76 -50.15
N LEU A 50 10.71 -17.84 -50.37
CA LEU A 50 11.01 -18.82 -49.32
C LEU A 50 11.62 -18.15 -48.09
N ALA A 51 12.55 -17.24 -48.31
CA ALA A 51 13.23 -16.52 -47.23
C ALA A 51 12.27 -15.66 -46.40
N PHE A 52 11.41 -14.89 -47.08
CA PHE A 52 10.44 -14.03 -46.40
C PHE A 52 9.38 -14.85 -45.65
N GLU A 53 8.84 -15.88 -46.30
CA GLU A 53 7.84 -16.75 -45.70
C GLU A 53 8.33 -17.43 -44.43
N ARG A 54 9.61 -17.81 -44.42
CA ARG A 54 10.22 -18.46 -43.26
C ARG A 54 10.33 -17.53 -42.05
N VAL A 55 10.79 -16.29 -42.27
CA VAL A 55 10.94 -15.31 -41.18
C VAL A 55 9.57 -14.83 -40.69
N TYR A 56 8.66 -14.55 -41.63
CA TYR A 56 7.32 -14.07 -41.28
C TYR A 56 6.54 -15.08 -40.45
N THR A 57 6.59 -16.35 -40.82
CA THR A 57 5.88 -17.42 -40.11
C THR A 57 6.48 -17.63 -38.71
N ALA A 58 7.81 -17.66 -38.63
CA ALA A 58 8.52 -17.80 -37.36
C ALA A 58 8.16 -16.68 -36.40
N ASN A 59 8.22 -15.44 -36.88
CA ASN A 59 7.80 -14.27 -36.11
C ASN A 59 6.33 -14.36 -35.71
N GLN A 60 5.50 -14.78 -36.66
CA GLN A 60 4.06 -14.92 -36.43
C GLN A 60 3.77 -15.96 -35.34
N ASN A 61 4.53 -17.04 -35.32
CA ASN A 61 4.39 -18.08 -34.30
C ASN A 61 4.86 -17.59 -32.93
N CYS A 62 5.90 -16.77 -32.91
CA CYS A 62 6.42 -16.15 -31.70
C CYS A 62 5.47 -15.09 -31.14
N VAL A 63 4.92 -14.26 -32.02
CA VAL A 63 3.96 -13.22 -31.63
C VAL A 63 2.66 -13.83 -31.09
N ASP A 64 2.21 -14.91 -31.72
CA ASP A 64 0.97 -15.61 -31.30
C ASP A 64 1.00 -16.04 -29.83
N ALA A 65 2.16 -16.54 -29.38
CA ALA A 65 2.30 -17.10 -28.04
C ALA A 65 2.72 -16.08 -26.98
N TYR A 66 3.09 -14.88 -27.39
CA TYR A 66 3.64 -13.86 -26.48
C TYR A 66 2.68 -13.39 -25.38
N PRO A 67 1.42 -13.04 -25.73
CA PRO A 67 0.48 -12.64 -24.69
C PRO A 67 0.33 -13.71 -23.60
N THR A 68 0.21 -14.96 -24.02
CA THR A 68 0.06 -16.08 -23.09
C THR A 68 1.29 -16.18 -22.17
N PHE A 69 2.48 -16.11 -22.77
CA PHE A 69 3.72 -16.10 -22.00
C PHE A 69 3.68 -15.02 -20.93
N LEU A 70 3.35 -13.80 -21.35
CA LEU A 70 3.35 -12.63 -20.46
C LEU A 70 2.32 -12.79 -19.34
N ALA A 71 1.15 -13.33 -19.67
CA ALA A 71 0.12 -13.59 -18.67
C ALA A 71 0.62 -14.53 -17.58
N VAL A 72 1.18 -15.68 -17.95
CA VAL A 72 1.64 -16.65 -16.94
C VAL A 72 2.95 -16.24 -16.25
N LEU A 73 3.78 -15.46 -16.92
CA LEU A 73 5.01 -14.94 -16.31
C LEU A 73 4.67 -14.04 -15.12
N TRP A 74 3.79 -13.06 -15.35
CA TRP A 74 3.38 -12.13 -14.32
C TRP A 74 2.49 -12.76 -13.25
N SER A 75 1.56 -13.63 -13.65
CA SER A 75 0.76 -14.39 -12.68
C SER A 75 1.66 -15.17 -11.71
N ALA A 76 2.59 -15.95 -12.26
CA ALA A 76 3.54 -16.72 -11.43
C ALA A 76 4.39 -15.82 -10.53
N GLY A 77 4.88 -14.72 -11.08
CA GLY A 77 5.79 -13.84 -10.36
C GLY A 77 5.14 -13.05 -9.25
N LEU A 78 3.88 -12.67 -9.45
CA LEU A 78 3.12 -11.89 -8.48
C LEU A 78 2.41 -12.75 -7.43
N LEU A 79 1.87 -13.89 -7.86
CA LEU A 79 1.04 -14.73 -6.99
C LEU A 79 1.83 -15.76 -6.19
N CYS A 80 2.96 -16.22 -6.75
CA CYS A 80 3.73 -17.31 -6.17
C CYS A 80 5.09 -16.85 -5.63
N SER A 81 6.05 -16.64 -6.52
CA SER A 81 7.41 -16.22 -6.16
C SER A 81 8.13 -15.61 -7.37
N GLN A 82 8.73 -14.45 -7.17
CA GLN A 82 9.30 -13.67 -8.28
C GLN A 82 10.50 -14.29 -8.98
N VAL A 83 11.50 -14.71 -8.19
CA VAL A 83 12.78 -15.21 -8.72
C VAL A 83 12.63 -16.41 -9.67
N PRO A 84 11.98 -17.51 -9.21
CA PRO A 84 11.83 -18.67 -10.10
C PRO A 84 11.03 -18.35 -11.36
N ALA A 85 9.98 -17.53 -11.22
CA ALA A 85 9.20 -17.09 -12.36
C ALA A 85 10.04 -16.29 -13.36
N ALA A 86 10.83 -15.35 -12.84
CA ALA A 86 11.73 -14.54 -13.67
C ALA A 86 12.80 -15.38 -14.37
N PHE A 87 13.34 -16.36 -13.66
CA PHE A 87 14.34 -17.26 -14.23
C PHE A 87 13.75 -18.12 -15.34
N ALA A 88 12.58 -18.70 -15.09
CA ALA A 88 11.85 -19.47 -16.09
C ALA A 88 11.53 -18.60 -17.31
N GLY A 89 11.21 -17.33 -17.07
CA GLY A 89 10.97 -16.37 -18.13
C GLY A 89 12.20 -16.12 -18.98
N LEU A 90 13.36 -16.03 -18.30
CA LEU A 90 14.64 -15.88 -18.99
C LEU A 90 14.96 -17.11 -19.84
N MET A 91 14.52 -18.27 -19.37
CA MET A 91 14.71 -19.53 -20.09
C MET A 91 13.84 -19.61 -21.34
N TYR A 92 12.61 -19.08 -21.23
CA TYR A 92 11.69 -18.99 -22.37
C TYR A 92 12.33 -18.21 -23.51
N LEU A 93 12.98 -17.10 -23.16
CA LEU A 93 13.63 -16.23 -24.15
C LEU A 93 14.81 -16.92 -24.85
N PHE A 94 15.56 -17.73 -24.10
CA PHE A 94 16.63 -18.53 -24.68
C PHE A 94 16.11 -19.61 -25.62
N VAL A 95 15.04 -20.30 -25.19
CA VAL A 95 14.39 -21.32 -26.00
C VAL A 95 13.75 -20.72 -27.26
N ARG A 96 13.14 -19.55 -27.09
CA ARG A 96 12.48 -18.82 -28.17
C ARG A 96 13.47 -18.36 -29.24
N GLN A 97 14.64 -17.91 -28.80
CA GLN A 97 15.71 -17.49 -29.70
C GLN A 97 16.15 -18.65 -30.61
N LYS A 98 16.35 -19.83 -30.00
CA LYS A 98 16.76 -21.03 -30.72
C LYS A 98 15.66 -21.55 -31.66
N TYR A 99 14.40 -21.34 -31.28
CA TYR A 99 13.27 -21.74 -32.11
C TYR A 99 13.18 -20.87 -33.37
N PHE A 100 13.33 -19.56 -33.19
CA PHE A 100 13.29 -18.59 -34.30
C PHE A 100 14.45 -18.79 -35.27
N VAL A 101 15.65 -19.01 -34.74
CA VAL A 101 16.85 -19.20 -35.56
C VAL A 101 16.78 -20.49 -36.38
N GLY A 102 16.22 -21.55 -35.77
CA GLY A 102 16.04 -22.83 -36.44
C GLY A 102 15.12 -22.80 -37.66
N TYR A 103 14.22 -21.81 -37.68
CA TYR A 103 13.35 -21.56 -38.84
C TYR A 103 14.11 -20.98 -40.03
N LEU A 104 15.07 -20.09 -39.74
CA LEU A 104 15.80 -19.35 -40.77
C LEU A 104 16.71 -20.27 -41.60
N PRO A 112 11.13 -26.33 -37.14
CA PRO A 112 10.32 -26.98 -36.11
C PRO A 112 8.83 -26.73 -36.31
N GLY A 113 8.02 -27.17 -35.34
CA GLY A 113 6.57 -27.06 -35.43
C GLY A 113 6.02 -25.71 -34.99
N TYR A 114 4.73 -25.69 -34.68
CA TYR A 114 4.03 -24.46 -34.30
C TYR A 114 4.35 -24.03 -32.86
N ILE A 115 4.38 -25.00 -31.94
CA ILE A 115 4.57 -24.75 -30.52
C ILE A 115 6.03 -24.90 -30.07
N PHE A 116 6.44 -24.03 -29.15
CA PHE A 116 7.75 -24.10 -28.48
C PHE A 116 7.61 -23.65 -27.03
N GLY A 117 8.59 -24.02 -26.21
CA GLY A 117 8.63 -23.64 -24.79
C GLY A 117 7.42 -24.11 -23.98
N LYS A 118 6.82 -25.21 -24.42
CA LYS A 118 5.61 -25.79 -23.85
C LYS A 118 5.70 -26.02 -22.34
N ARG A 119 6.84 -26.54 -21.88
CA ARG A 119 7.03 -26.92 -20.49
C ARG A 119 7.21 -25.72 -19.56
N ILE A 120 7.91 -24.70 -20.04
CA ILE A 120 8.11 -23.45 -19.30
C ILE A 120 6.76 -22.76 -19.03
N ILE A 121 5.94 -22.66 -20.07
CA ILE A 121 4.57 -22.12 -19.96
C ILE A 121 3.76 -22.90 -18.93
N LEU A 122 3.82 -24.23 -19.03
CA LEU A 122 3.17 -25.14 -18.08
C LEU A 122 3.66 -24.92 -16.65
N PHE A 123 4.98 -24.75 -16.50
CA PHE A 123 5.59 -24.52 -15.20
C PHE A 123 5.14 -23.20 -14.56
N LEU A 124 5.10 -22.15 -15.39
CA LEU A 124 4.60 -20.84 -14.96
C LEU A 124 3.10 -20.90 -14.64
N PHE A 125 2.37 -21.75 -15.35
CA PHE A 125 0.96 -22.00 -15.05
C PHE A 125 0.79 -22.70 -13.70
N LEU A 126 1.64 -23.68 -13.42
CA LEU A 126 1.57 -24.45 -12.18
C LEU A 126 1.95 -23.60 -10.97
N MET A 127 2.94 -22.71 -11.15
CA MET A 127 3.32 -21.74 -10.12
C MET A 127 2.14 -20.85 -9.73
N SER A 128 1.45 -20.32 -10.74
CA SER A 128 0.29 -19.46 -10.53
C SER A 128 -0.81 -20.15 -9.72
N VAL A 129 -1.11 -21.40 -10.07
CA VAL A 129 -2.10 -22.21 -9.36
C VAL A 129 -1.66 -22.48 -7.91
N ALA A 130 -0.36 -22.74 -7.73
CA ALA A 130 0.21 -22.95 -6.40
C ALA A 130 0.17 -21.68 -5.57
N GLY A 131 0.31 -20.53 -6.23
CA GLY A 131 0.22 -19.22 -5.57
C GLY A 131 -1.19 -18.90 -5.10
N ILE A 132 -2.17 -19.18 -5.96
CA ILE A 132 -3.59 -19.03 -5.63
C ILE A 132 -3.96 -19.93 -4.44
N PHE A 133 -3.54 -21.19 -4.50
CA PHE A 133 -3.72 -22.13 -3.40
C PHE A 133 -3.10 -21.63 -2.10
N ASN A 134 -1.90 -21.06 -2.20
CA ASN A 134 -1.22 -20.47 -1.05
C ASN A 134 -2.00 -19.29 -0.47
N TYR A 135 -2.54 -18.43 -1.34
CA TYR A 135 -3.38 -17.32 -0.92
C TYR A 135 -4.58 -17.79 -0.10
N TYR A 136 -5.28 -18.82 -0.60
CA TYR A 136 -6.48 -19.33 0.06
C TYR A 136 -6.18 -19.99 1.40
N LEU A 137 -5.03 -20.63 1.52
CA LEU A 137 -4.60 -21.22 2.79
C LEU A 137 -4.43 -20.15 3.86
N ILE A 138 -3.65 -19.11 3.54
CA ILE A 138 -3.40 -17.99 4.45
C ILE A 138 -4.71 -17.25 4.81
N PHE A 139 -5.59 -17.10 3.83
CA PHE A 139 -6.88 -16.45 4.04
C PHE A 139 -7.75 -17.21 5.03
N PHE A 140 -7.97 -18.50 4.77
CA PHE A 140 -8.80 -19.34 5.63
C PHE A 140 -8.21 -19.55 7.01
N PHE A 141 -6.88 -19.56 7.10
CA PHE A 141 -6.19 -19.62 8.39
C PHE A 141 -6.34 -18.32 9.17
N GLY A 142 -6.35 -17.20 8.46
CA GLY A 142 -6.51 -15.88 9.06
C GLY A 142 -7.89 -15.66 9.63
N SER A 143 -8.91 -16.08 8.88
CA SER A 143 -10.30 -15.98 9.31
C SER A 143 -10.62 -16.94 10.45
N ASP A 144 -9.92 -18.07 10.49
CA ASP A 144 -10.04 -19.04 11.58
C ASP A 144 -9.43 -18.48 12.87
N PHE A 145 -8.30 -17.80 12.75
CA PHE A 145 -7.65 -17.11 13.87
C PHE A 145 -8.53 -15.98 14.39
N GLU A 146 -9.20 -15.29 13.46
CA GLU A 146 -10.13 -14.21 13.80
C GLU A 146 -11.31 -14.74 14.63
N ASN A 147 -11.91 -15.84 14.15
CA ASN A 147 -13.02 -16.50 14.86
C ASN A 147 -12.61 -17.12 16.19
N TYR A 148 -11.37 -17.60 16.25
CA TYR A 148 -10.79 -18.19 17.47
C TYR A 148 -10.66 -17.15 18.58
N ILE A 149 -10.15 -15.97 18.21
CA ILE A 149 -10.00 -14.85 19.16
C ILE A 149 -11.38 -14.32 19.56
N ALA A 150 -12.30 -14.26 18.60
CA ALA A 150 -13.67 -13.80 18.85
C ALA A 150 -14.44 -14.71 19.82
N THR A 151 -14.14 -16.01 19.76
CA THR A 151 -14.76 -17.00 20.65
C THR A 151 -14.29 -16.81 22.10
N ILE A 152 -12.97 -16.73 22.29
CA ILE A 152 -12.37 -16.52 23.60
C ILE A 152 -12.77 -15.17 24.20
N SER A 153 -12.90 -14.16 23.33
CA SER A 153 -13.34 -12.83 23.75
C SER A 153 -14.77 -12.82 24.28
N THR A 154 -15.58 -13.76 23.79
CA THR A 154 -16.96 -13.91 24.27
C THR A 154 -16.99 -14.74 25.56
N THR A 155 -16.13 -15.76 25.64
CA THR A 155 -16.03 -16.63 26.82
C THR A 155 -15.44 -15.88 28.02
N ILE A 156 -14.33 -15.19 27.81
CA ILE A 156 -13.64 -14.46 28.87
C ILE A 156 -14.12 -13.01 29.01
N SER A 157 -15.34 -12.75 28.55
CA SER A 157 -15.94 -11.41 28.60
C SER A 157 -16.34 -10.95 30.01
N PRO A 158 -17.12 -11.78 30.75
CA PRO A 158 -17.58 -11.34 32.08
C PRO A 158 -16.48 -11.26 33.13
N LEU A 159 -15.41 -12.03 32.94
CA LEU A 159 -14.29 -12.09 33.89
C LEU A 159 -13.47 -10.79 33.93
N LEU A 160 -13.70 -9.91 32.97
CA LEU A 160 -12.95 -8.66 32.86
C LEU A 160 -13.49 -7.58 33.81
N SER B 2 -11.86 -2.03 -6.80
CA SER B 2 -10.87 -2.90 -6.10
C SER B 2 -9.67 -2.10 -5.58
N LEU B 3 -8.94 -1.47 -6.49
CA LEU B 3 -7.74 -0.71 -6.16
C LEU B 3 -8.05 0.58 -5.39
N ASP B 4 -7.12 0.98 -4.53
CA ASP B 4 -7.28 2.17 -3.70
C ASP B 4 -7.06 3.46 -4.50
N GLN B 5 -7.64 4.56 -4.00
CA GLN B 5 -7.63 5.87 -4.66
C GLN B 5 -6.25 6.36 -5.08
N GLU B 6 -5.25 6.11 -4.24
CA GLU B 6 -3.87 6.53 -4.48
C GLU B 6 -3.26 5.80 -5.66
N THR B 7 -3.51 4.49 -5.74
CA THR B 7 -2.97 3.65 -6.81
C THR B 7 -3.60 3.99 -8.16
N VAL B 8 -4.92 4.12 -8.19
CA VAL B 8 -5.65 4.49 -9.41
C VAL B 8 -5.12 5.81 -9.97
N GLY B 9 -4.84 6.76 -9.10
CA GLY B 9 -4.26 8.06 -9.48
C GLY B 9 -2.92 7.96 -10.18
N ASN B 10 -2.16 6.91 -9.85
CA ASN B 10 -0.88 6.64 -10.49
C ASN B 10 -1.00 5.86 -11.81
N VAL B 11 -2.20 5.40 -12.13
CA VAL B 11 -2.41 4.56 -13.32
C VAL B 11 -3.56 5.02 -14.24
N VAL B 12 -4.29 6.06 -13.83
CA VAL B 12 -5.50 6.48 -14.54
C VAL B 12 -5.25 6.92 -15.98
N LEU B 13 -4.15 7.63 -16.20
CA LEU B 13 -3.78 8.12 -17.52
C LEU B 13 -3.36 6.97 -18.44
N LEU B 14 -2.59 6.03 -17.89
CA LEU B 14 -2.18 4.84 -18.64
C LEU B 14 -3.40 3.99 -18.98
N ALA B 15 -4.33 3.88 -18.04
CA ALA B 15 -5.61 3.20 -18.28
C ALA B 15 -6.40 3.84 -19.42
N ILE B 16 -6.46 5.18 -19.42
CA ILE B 16 -7.17 5.93 -20.47
C ILE B 16 -6.55 5.70 -21.86
N VAL B 17 -5.23 5.87 -21.96
CA VAL B 17 -4.49 5.58 -23.19
C VAL B 17 -4.71 4.13 -23.65
N THR B 18 -4.77 3.21 -22.70
CA THR B 18 -5.01 1.78 -22.99
C THR B 18 -6.42 1.55 -23.54
N LEU B 19 -7.41 2.22 -22.96
CA LEU B 19 -8.80 2.07 -23.40
C LEU B 19 -9.08 2.71 -24.76
N ILE B 20 -8.30 3.74 -25.12
CA ILE B 20 -8.39 4.35 -26.44
C ILE B 20 -7.78 3.43 -27.49
N SER B 21 -6.69 2.74 -27.12
CA SER B 21 -6.07 1.74 -27.98
C SER B 21 -6.99 0.55 -28.20
N VAL B 22 -7.79 0.23 -27.19
CA VAL B 22 -8.83 -0.79 -27.31
C VAL B 22 -9.86 -0.39 -28.36
N VAL B 23 -10.36 0.85 -28.28
CA VAL B 23 -11.27 1.43 -29.27
C VAL B 23 -10.65 1.36 -30.67
N GLN B 24 -9.37 1.74 -30.78
CA GLN B 24 -8.64 1.69 -32.04
C GLN B 24 -8.49 0.26 -32.59
N ASN B 25 -8.20 -0.69 -31.71
CA ASN B 25 -8.14 -2.12 -32.09
C ASN B 25 -9.48 -2.60 -32.64
N GLY B 26 -10.56 -2.23 -31.94
CA GLY B 26 -11.92 -2.53 -32.38
C GLY B 26 -12.24 -1.91 -33.73
N PHE B 27 -11.81 -0.66 -33.94
CA PHE B 27 -11.97 0.02 -35.21
C PHE B 27 -11.30 -0.75 -36.35
N PHE B 28 -10.06 -1.18 -36.12
CA PHE B 28 -9.30 -1.94 -37.11
C PHE B 28 -9.96 -3.28 -37.43
N ALA B 29 -10.47 -3.95 -36.39
CA ALA B 29 -11.14 -5.24 -36.54
C ALA B 29 -12.46 -5.10 -37.30
N HIS B 30 -13.13 -3.97 -37.10
CA HIS B 30 -14.35 -3.63 -37.84
C HIS B 30 -14.04 -3.46 -39.33
N LYS B 31 -12.87 -2.88 -39.61
CA LYS B 31 -12.40 -2.65 -40.98
C LYS B 31 -12.07 -3.97 -41.69
N VAL B 32 -11.70 -4.99 -40.92
CA VAL B 32 -11.45 -6.33 -41.45
C VAL B 32 -12.78 -7.07 -41.67
N GLU B 33 -13.69 -6.93 -40.70
CA GLU B 33 -15.02 -7.54 -40.75
C GLU B 33 -15.81 -7.08 -41.97
N HIS B 34 -15.81 -5.77 -42.22
CA HIS B 34 -16.55 -5.17 -43.33
C HIS B 34 -16.07 -5.69 -44.68
N GLU B 35 -14.76 -5.74 -44.88
CA GLU B 35 -14.17 -6.15 -46.15
C GLU B 35 -14.24 -7.67 -46.36
N SER B 36 -14.41 -8.41 -45.26
CA SER B 36 -14.54 -9.87 -45.32
C SER B 36 -15.93 -10.32 -45.78
N ARG B 37 -16.90 -9.41 -45.69
CA ARG B 37 -18.27 -9.71 -46.09
C ARG B 37 -18.54 -9.45 -47.57
N THR B 38 -17.55 -8.84 -48.25
CA THR B 38 -17.61 -8.64 -49.70
C THR B 38 -17.01 -9.84 -50.43
N GLN B 39 -16.42 -10.76 -49.67
CA GLN B 39 -15.77 -11.95 -50.22
C GLN B 39 -16.80 -12.98 -50.69
N SER B 43 -17.59 -18.51 -45.38
CA SER B 43 -16.33 -18.97 -44.80
C SER B 43 -15.27 -17.87 -44.82
N PHE B 44 -14.63 -17.65 -43.67
CA PHE B 44 -13.58 -16.65 -43.54
C PHE B 44 -12.19 -17.27 -43.75
N GLN B 45 -11.39 -16.60 -44.59
CA GLN B 45 -10.03 -17.04 -44.90
C GLN B 45 -9.07 -15.85 -44.86
N ARG B 46 -7.78 -16.13 -44.97
CA ARG B 46 -6.74 -15.08 -44.93
C ARG B 46 -6.42 -14.51 -46.31
N THR B 47 -6.61 -15.32 -47.35
CA THR B 47 -6.30 -14.92 -48.72
C THR B 47 -7.56 -14.75 -49.58
N GLY B 48 -7.62 -13.66 -50.34
CA GLY B 48 -8.76 -13.36 -51.19
C GLY B 48 -8.53 -12.17 -52.11
N THR B 49 -9.41 -11.17 -52.00
CA THR B 49 -9.31 -9.95 -52.79
C THR B 49 -8.10 -9.13 -52.35
N LEU B 50 -7.53 -8.37 -53.28
CA LEU B 50 -6.41 -7.48 -52.99
C LEU B 50 -6.79 -6.40 -51.97
N ALA B 51 -8.07 -6.02 -51.97
CA ALA B 51 -8.60 -5.07 -51.00
C ALA B 51 -8.66 -5.67 -49.60
N PHE B 52 -9.17 -6.90 -49.49
CA PHE B 52 -9.26 -7.60 -48.21
C PHE B 52 -7.89 -7.93 -47.62
N GLU B 53 -7.00 -8.46 -48.45
CA GLU B 53 -5.67 -8.88 -48.01
C GLU B 53 -4.86 -7.72 -47.43
N ARG B 54 -4.95 -6.56 -48.06
CA ARG B 54 -4.23 -5.36 -47.60
C ARG B 54 -4.73 -4.85 -46.25
N VAL B 55 -6.06 -4.87 -46.06
CA VAL B 55 -6.67 -4.48 -44.78
C VAL B 55 -6.33 -5.48 -43.68
N TYR B 56 -6.37 -6.77 -44.03
CA TYR B 56 -6.06 -7.86 -43.10
C TYR B 56 -4.60 -7.81 -42.65
N THR B 57 -3.70 -7.57 -43.59
CA THR B 57 -2.26 -7.49 -43.29
C THR B 57 -1.97 -6.25 -42.43
N ALA B 58 -2.64 -5.13 -42.75
CA ALA B 58 -2.48 -3.89 -42.00
C ALA B 58 -2.84 -4.10 -40.53
N ASN B 59 -4.01 -4.69 -40.30
CA ASN B 59 -4.46 -5.06 -38.97
C ASN B 59 -3.48 -6.00 -38.28
N GLN B 60 -3.02 -7.00 -39.02
CA GLN B 60 -2.10 -8.01 -38.51
C GLN B 60 -0.77 -7.39 -38.07
N ASN B 61 -0.26 -6.44 -38.86
CA ASN B 61 0.96 -5.69 -38.51
C ASN B 61 0.80 -4.90 -37.22
N CYS B 62 -0.38 -4.31 -37.01
CA CYS B 62 -0.69 -3.58 -35.79
C CYS B 62 -0.85 -4.53 -34.60
N VAL B 63 -1.53 -5.65 -34.84
CA VAL B 63 -1.78 -6.67 -33.82
C VAL B 63 -0.49 -7.34 -33.35
N ASP B 64 0.46 -7.53 -34.25
CA ASP B 64 1.78 -8.07 -33.92
C ASP B 64 2.54 -7.14 -32.97
N ALA B 65 2.29 -5.84 -33.12
CA ALA B 65 3.04 -4.83 -32.40
C ALA B 65 2.45 -4.53 -31.03
N TYR B 66 1.14 -4.72 -30.90
CA TYR B 66 0.37 -4.25 -29.74
C TYR B 66 0.83 -4.76 -28.37
N PRO B 67 1.11 -6.06 -28.22
CA PRO B 67 1.53 -6.50 -26.89
C PRO B 67 2.85 -5.87 -26.45
N THR B 68 3.75 -5.65 -27.41
CA THR B 68 5.01 -4.95 -27.13
C THR B 68 4.73 -3.51 -26.69
N PHE B 69 3.75 -2.88 -27.36
CA PHE B 69 3.32 -1.52 -26.99
C PHE B 69 2.81 -1.42 -25.55
N LEU B 70 1.90 -2.31 -25.17
CA LEU B 70 1.36 -2.32 -23.81
C LEU B 70 2.45 -2.58 -22.77
N ALA B 71 3.31 -3.56 -23.04
CA ALA B 71 4.42 -3.87 -22.15
C ALA B 71 5.27 -2.63 -21.85
N VAL B 72 5.71 -1.93 -22.90
CA VAL B 72 6.58 -0.75 -22.70
C VAL B 72 5.84 0.49 -22.17
N LEU B 73 4.54 0.59 -22.49
CA LEU B 73 3.72 1.70 -22.01
C LEU B 73 3.59 1.64 -20.49
N TRP B 74 3.20 0.47 -19.98
CA TRP B 74 2.98 0.28 -18.56
C TRP B 74 4.29 0.26 -17.76
N SER B 75 5.32 -0.41 -18.29
CA SER B 75 6.66 -0.40 -17.66
C SER B 75 7.14 1.03 -17.44
N ALA B 76 7.11 1.84 -18.51
CA ALA B 76 7.47 3.26 -18.44
C ALA B 76 6.56 4.05 -17.50
N GLY B 77 5.26 3.76 -17.55
CA GLY B 77 4.29 4.48 -16.75
C GLY B 77 4.36 4.19 -15.26
N LEU B 78 4.70 2.95 -14.93
CA LEU B 78 4.76 2.51 -13.53
C LEU B 78 6.14 2.65 -12.90
N LEU B 79 7.19 2.48 -13.71
CA LEU B 79 8.57 2.48 -13.20
C LEU B 79 9.28 3.84 -13.34
N CYS B 80 8.89 4.64 -14.33
CA CYS B 80 9.50 5.95 -14.55
C CYS B 80 8.58 7.11 -14.13
N SER B 81 7.75 7.58 -15.07
CA SER B 81 6.81 8.67 -14.81
C SER B 81 5.56 8.50 -15.66
N GLN B 82 4.39 8.65 -15.03
CA GLN B 82 3.11 8.36 -15.70
C GLN B 82 2.80 9.28 -16.88
N VAL B 83 2.83 10.59 -16.65
CA VAL B 83 2.40 11.59 -17.65
C VAL B 83 3.09 11.49 -19.02
N PRO B 84 4.45 11.49 -19.05
CA PRO B 84 5.11 11.42 -20.36
C PRO B 84 4.90 10.08 -21.07
N ALA B 85 4.84 9.00 -20.27
CA ALA B 85 4.58 7.67 -20.80
C ALA B 85 3.22 7.63 -21.51
N ALA B 86 2.18 8.10 -20.82
CA ALA B 86 0.83 8.14 -21.39
C ALA B 86 0.79 9.05 -22.63
N PHE B 87 1.49 10.18 -22.54
CA PHE B 87 1.61 11.10 -23.68
C PHE B 87 2.29 10.43 -24.88
N ALA B 88 3.39 9.72 -24.62
CA ALA B 88 4.07 8.97 -25.68
C ALA B 88 3.18 7.86 -26.22
N GLY B 89 2.45 7.19 -25.33
CA GLY B 89 1.46 6.19 -25.71
C GLY B 89 0.37 6.74 -26.61
N LEU B 90 -0.07 7.96 -26.30
CA LEU B 90 -1.11 8.63 -27.11
C LEU B 90 -0.58 9.01 -28.50
N MET B 91 0.71 9.34 -28.57
CA MET B 91 1.37 9.63 -29.85
C MET B 91 1.47 8.38 -30.72
N TYR B 92 1.66 7.24 -30.08
CA TYR B 92 1.71 5.94 -30.76
C TYR B 92 0.37 5.64 -31.44
N LEU B 93 -0.72 5.96 -30.75
CA LEU B 93 -2.06 5.74 -31.29
C LEU B 93 -2.34 6.63 -32.51
N PHE B 94 -1.73 7.82 -32.52
CA PHE B 94 -1.83 8.75 -33.64
C PHE B 94 -1.04 8.23 -34.84
N VAL B 95 0.24 7.92 -34.64
CA VAL B 95 1.12 7.33 -35.67
C VAL B 95 0.52 6.04 -36.25
N ARG B 96 -0.02 5.20 -35.36
CA ARG B 96 -0.64 3.94 -35.72
C ARG B 96 -1.83 4.12 -36.65
N GLN B 97 -2.64 5.15 -36.38
CA GLN B 97 -3.79 5.47 -37.22
C GLN B 97 -3.34 5.90 -38.62
N LYS B 98 -2.30 6.73 -38.67
CA LYS B 98 -1.70 7.16 -39.93
C LYS B 98 -1.14 5.96 -40.71
N TYR B 99 -0.57 5.00 -39.97
CA TYR B 99 -0.01 3.79 -40.56
C TYR B 99 -1.08 2.92 -41.21
N PHE B 100 -2.14 2.62 -40.45
CA PHE B 100 -3.23 1.78 -40.93
C PHE B 100 -3.89 2.35 -42.20
N VAL B 101 -4.23 3.63 -42.16
CA VAL B 101 -4.90 4.30 -43.29
C VAL B 101 -4.01 4.33 -44.54
N GLY B 102 -2.75 4.73 -44.37
CA GLY B 102 -1.78 4.78 -45.45
C GLY B 102 -1.53 3.43 -46.09
N TYR B 103 -1.62 2.37 -45.29
CA TYR B 103 -1.41 1.00 -45.77
C TYR B 103 -2.51 0.56 -46.76
N LEU B 104 -3.71 1.09 -46.58
CA LEU B 104 -4.85 0.76 -47.45
C LEU B 104 -4.74 1.39 -48.82
N GLY B 105 -4.19 2.61 -48.86
CA GLY B 105 -3.98 3.33 -50.12
C GLY B 105 -2.64 3.00 -50.75
N PRO B 112 4.23 2.58 -46.13
CA PRO B 112 5.04 2.08 -45.03
C PRO B 112 5.20 0.56 -45.06
N GLY B 113 6.30 0.08 -44.47
CA GLY B 113 6.59 -1.35 -44.43
C GLY B 113 5.91 -2.09 -43.29
N TYR B 114 6.66 -2.99 -42.66
CA TYR B 114 6.14 -3.82 -41.57
C TYR B 114 6.11 -3.09 -40.24
N ILE B 115 7.23 -2.47 -39.88
CA ILE B 115 7.39 -1.78 -38.60
C ILE B 115 6.85 -0.35 -38.66
N PHE B 116 6.28 0.11 -37.55
CA PHE B 116 5.87 1.50 -37.37
C PHE B 116 6.04 1.93 -35.91
N GLY B 117 6.28 3.22 -35.70
CA GLY B 117 6.38 3.81 -34.36
C GLY B 117 7.59 3.37 -33.56
N LYS B 118 8.70 3.10 -34.25
CA LYS B 118 9.93 2.65 -33.61
C LYS B 118 10.41 3.56 -32.48
N ARG B 119 10.49 4.86 -32.77
CA ARG B 119 11.03 5.84 -31.83
C ARG B 119 10.23 5.94 -30.53
N ILE B 120 8.91 5.86 -30.64
CA ILE B 120 8.02 5.87 -29.48
C ILE B 120 8.25 4.63 -28.61
N ILE B 121 8.32 3.47 -29.26
CA ILE B 121 8.66 2.20 -28.58
C ILE B 121 10.02 2.29 -27.89
N LEU B 122 11.02 2.78 -28.63
CA LEU B 122 12.36 2.97 -28.08
C LEU B 122 12.36 3.94 -26.89
N PHE B 123 11.59 5.01 -27.01
CA PHE B 123 11.47 6.02 -25.95
C PHE B 123 10.83 5.46 -24.68
N LEU B 124 9.75 4.69 -24.84
CA LEU B 124 9.08 4.02 -23.72
C LEU B 124 9.97 2.94 -23.10
N PHE B 125 10.76 2.27 -23.93
CA PHE B 125 11.75 1.29 -23.45
C PHE B 125 12.83 1.97 -22.59
N LEU B 126 13.37 3.08 -23.07
CA LEU B 126 14.44 3.79 -22.37
C LEU B 126 13.96 4.38 -21.04
N MET B 127 12.73 4.90 -21.04
CA MET B 127 12.06 5.34 -19.82
C MET B 127 12.02 4.22 -18.77
N SER B 128 11.67 3.02 -19.21
CA SER B 128 11.54 1.87 -18.33
C SER B 128 12.89 1.51 -17.72
N VAL B 129 13.92 1.50 -18.55
CA VAL B 129 15.29 1.22 -18.13
C VAL B 129 15.77 2.31 -17.16
N ALA B 130 15.43 3.56 -17.47
CA ALA B 130 15.80 4.70 -16.63
C ALA B 130 15.15 4.62 -15.25
N GLY B 131 13.89 4.20 -15.21
CA GLY B 131 13.15 4.02 -13.97
C GLY B 131 13.71 2.91 -13.09
N ILE B 132 14.08 1.80 -13.71
CA ILE B 132 14.69 0.66 -13.02
C ILE B 132 16.03 1.06 -12.39
N PHE B 133 16.85 1.79 -13.15
CA PHE B 133 18.12 2.32 -12.66
C PHE B 133 17.90 3.30 -11.51
N ASN B 134 16.84 4.10 -11.61
CA ASN B 134 16.45 5.02 -10.54
C ASN B 134 16.03 4.29 -9.27
N TYR B 135 15.34 3.16 -9.44
CA TYR B 135 14.95 2.31 -8.31
C TYR B 135 16.17 1.77 -7.56
N TYR B 136 17.16 1.29 -8.31
CA TYR B 136 18.38 0.75 -7.72
C TYR B 136 19.24 1.82 -7.04
N LEU B 137 19.21 3.04 -7.57
CA LEU B 137 19.90 4.18 -6.94
C LEU B 137 19.34 4.48 -5.56
N ILE B 138 18.01 4.50 -5.45
CA ILE B 138 17.33 4.78 -4.20
C ILE B 138 17.43 3.60 -3.22
N PHE B 139 17.39 2.38 -3.77
CA PHE B 139 17.51 1.16 -2.97
C PHE B 139 18.87 1.06 -2.28
N PHE B 140 19.95 1.23 -3.04
CA PHE B 140 21.30 1.15 -2.51
C PHE B 140 21.63 2.30 -1.57
N PHE B 141 21.03 3.46 -1.81
CA PHE B 141 21.17 4.61 -0.91
C PHE B 141 20.47 4.33 0.43
N GLY B 142 19.27 3.76 0.35
CA GLY B 142 18.51 3.37 1.54
C GLY B 142 19.18 2.26 2.32
N SER B 143 19.89 1.39 1.60
CA SER B 143 20.67 0.32 2.21
C SER B 143 21.92 0.87 2.90
N ASP B 144 22.59 1.82 2.26
CA ASP B 144 23.78 2.47 2.81
C ASP B 144 23.45 3.35 4.02
N PHE B 145 22.33 4.05 3.95
CA PHE B 145 21.84 4.88 5.06
C PHE B 145 21.52 4.02 6.28
N GLU B 146 20.92 2.85 6.03
CA GLU B 146 20.59 1.88 7.07
C GLU B 146 21.86 1.32 7.71
N ASN B 147 22.90 1.10 6.90
CA ASN B 147 24.19 0.63 7.38
C ASN B 147 24.95 1.72 8.14
N TYR B 148 24.79 2.97 7.71
CA TYR B 148 25.44 4.12 8.34
C TYR B 148 24.94 4.38 9.76
N ILE B 149 23.62 4.27 9.94
CA ILE B 149 22.99 4.43 11.26
C ILE B 149 23.36 3.27 12.18
N ALA B 150 23.43 2.07 11.62
CA ALA B 150 23.80 0.87 12.37
C ALA B 150 25.26 0.92 12.86
N THR B 151 26.14 1.50 12.05
CA THR B 151 27.56 1.65 12.39
C THR B 151 27.75 2.66 13.52
N ILE B 152 26.95 3.73 13.51
CA ILE B 152 26.97 4.73 14.58
C ILE B 152 26.35 4.18 15.86
N SER B 153 25.20 3.51 15.73
CA SER B 153 24.46 2.96 16.86
C SER B 153 25.26 1.93 17.67
N THR B 154 26.06 1.12 16.97
CA THR B 154 26.84 0.06 17.61
C THR B 154 28.08 0.56 18.37
N THR B 155 28.56 1.74 18.00
CA THR B 155 29.74 2.34 18.63
C THR B 155 29.35 3.31 19.75
N ILE B 156 28.15 3.87 19.65
CA ILE B 156 27.62 4.80 20.65
C ILE B 156 26.85 4.06 21.76
N SER B 157 26.63 2.76 21.56
CA SER B 157 25.90 1.91 22.52
C SER B 157 26.42 1.93 23.97
N PRO B 158 27.76 2.03 24.19
CA PRO B 158 28.21 2.18 25.58
C PRO B 158 28.04 3.61 26.13
N LEU B 159 27.18 4.40 25.49
CA LEU B 159 26.91 5.80 25.88
C LEU B 159 28.15 6.66 26.01
N SER C 2 4.16 -13.31 -3.71
CA SER C 2 4.97 -12.33 -2.93
C SER C 2 4.18 -11.09 -2.53
N LEU C 3 3.18 -10.73 -3.35
CA LEU C 3 2.28 -9.61 -3.07
C LEU C 3 1.43 -9.83 -1.82
N ASP C 4 0.98 -8.74 -1.21
CA ASP C 4 0.23 -8.78 0.05
C ASP C 4 -1.17 -9.38 -0.08
N GLN C 5 -1.66 -9.93 1.02
CA GLN C 5 -2.95 -10.66 1.07
C GLN C 5 -4.15 -9.84 0.59
N GLU C 6 -4.14 -8.55 0.90
CA GLU C 6 -5.26 -7.66 0.57
C GLU C 6 -5.37 -7.39 -0.94
N THR C 7 -4.21 -7.27 -1.60
CA THR C 7 -4.15 -7.03 -3.05
C THR C 7 -4.60 -8.26 -3.84
N VAL C 8 -4.12 -9.43 -3.43
CA VAL C 8 -4.44 -10.70 -4.10
C VAL C 8 -5.95 -10.98 -4.08
N GLY C 9 -6.60 -10.65 -2.96
CA GLY C 9 -8.05 -10.80 -2.82
C GLY C 9 -8.87 -9.95 -3.78
N ASN C 10 -8.27 -8.86 -4.26
CA ASN C 10 -8.91 -7.98 -5.23
C ASN C 10 -8.73 -8.42 -6.68
N VAL C 11 -7.84 -9.38 -6.91
CA VAL C 11 -7.49 -9.82 -8.27
C VAL C 11 -7.59 -11.32 -8.51
N VAL C 12 -7.82 -12.09 -7.44
CA VAL C 12 -7.77 -13.55 -7.52
C VAL C 12 -8.71 -14.16 -8.57
N LEU C 13 -9.93 -13.62 -8.66
CA LEU C 13 -10.92 -14.08 -9.62
C LEU C 13 -10.50 -13.71 -11.05
N LEU C 14 -9.93 -12.51 -11.19
CA LEU C 14 -9.40 -12.06 -12.47
C LEU C 14 -8.21 -12.91 -12.93
N ALA C 15 -7.42 -13.38 -11.97
CA ALA C 15 -6.29 -14.25 -12.24
C ALA C 15 -6.75 -15.63 -12.69
N ILE C 16 -7.77 -16.16 -11.99
CA ILE C 16 -8.35 -17.45 -12.32
C ILE C 16 -8.83 -17.48 -13.77
N VAL C 17 -9.63 -16.48 -14.16
CA VAL C 17 -10.14 -16.38 -15.53
C VAL C 17 -9.01 -16.17 -16.57
N THR C 18 -8.00 -15.38 -16.20
CA THR C 18 -6.82 -15.22 -17.06
C THR C 18 -6.15 -16.58 -17.29
N LEU C 19 -5.97 -17.33 -16.20
CA LEU C 19 -5.36 -18.67 -16.28
C LEU C 19 -6.16 -19.68 -17.10
N ILE C 20 -7.49 -19.63 -16.98
CA ILE C 20 -8.38 -20.47 -17.79
C ILE C 20 -8.27 -20.07 -19.27
N SER C 21 -8.23 -18.78 -19.54
CA SER C 21 -8.02 -18.27 -20.90
C SER C 21 -6.67 -18.75 -21.48
N VAL C 22 -5.68 -18.92 -20.61
CA VAL C 22 -4.38 -19.45 -20.99
C VAL C 22 -4.47 -20.93 -21.39
N VAL C 23 -5.26 -21.71 -20.64
CA VAL C 23 -5.52 -23.11 -20.97
C VAL C 23 -6.21 -23.21 -22.33
N GLN C 24 -7.18 -22.33 -22.55
CA GLN C 24 -7.90 -22.26 -23.81
C GLN C 24 -6.98 -21.86 -24.96
N ASN C 25 -6.16 -20.82 -24.77
CA ASN C 25 -5.15 -20.46 -25.75
C ASN C 25 -4.31 -21.66 -26.15
N GLY C 26 -3.85 -22.40 -25.15
CA GLY C 26 -3.06 -23.63 -25.34
C GLY C 26 -3.81 -24.71 -26.09
N PHE C 27 -5.11 -24.84 -25.79
CA PHE C 27 -5.98 -25.80 -26.49
C PHE C 27 -6.10 -25.46 -27.96
N PHE C 28 -6.36 -24.18 -28.25
CA PHE C 28 -6.44 -23.69 -29.63
C PHE C 28 -5.12 -23.95 -30.36
N ALA C 29 -4.00 -23.63 -29.70
CA ALA C 29 -2.67 -23.84 -30.27
C ALA C 29 -2.37 -25.31 -30.53
N HIS C 30 -2.87 -26.18 -29.65
CA HIS C 30 -2.70 -27.62 -29.80
C HIS C 30 -3.45 -28.15 -31.03
N LYS C 31 -4.65 -27.62 -31.26
CA LYS C 31 -5.48 -27.96 -32.42
C LYS C 31 -4.80 -27.59 -33.74
N VAL C 32 -4.08 -26.46 -33.74
CA VAL C 32 -3.28 -26.05 -34.89
C VAL C 32 -2.14 -27.04 -35.13
N GLU C 33 -1.45 -27.42 -34.06
CA GLU C 33 -0.35 -28.37 -34.13
C GLU C 33 -0.81 -29.75 -34.60
N HIS C 34 -1.96 -30.20 -34.09
CA HIS C 34 -2.51 -31.51 -34.41
C HIS C 34 -2.91 -31.64 -35.88
N GLU C 35 -3.50 -30.58 -36.42
CA GLU C 35 -3.95 -30.56 -37.82
C GLU C 35 -2.80 -30.36 -38.80
N SER C 36 -1.70 -29.79 -38.29
CA SER C 36 -0.49 -29.60 -39.09
C SER C 36 0.29 -30.91 -39.26
N ARG C 37 0.07 -31.84 -38.34
CA ARG C 37 0.80 -33.12 -38.32
C ARG C 37 0.13 -34.20 -39.19
N THR C 38 -1.13 -33.97 -39.55
CA THR C 38 -1.88 -34.92 -40.39
C THR C 38 -2.06 -34.38 -41.80
N SER C 43 7.83 -29.94 -41.94
CA SER C 43 8.03 -28.54 -41.60
C SER C 43 6.70 -27.78 -41.54
N PHE C 44 6.63 -26.77 -40.67
CA PHE C 44 5.42 -26.01 -40.47
C PHE C 44 5.29 -24.85 -41.46
N GLN C 45 4.13 -24.77 -42.10
CA GLN C 45 3.79 -23.69 -43.02
C GLN C 45 2.45 -23.09 -42.62
N ARG C 46 2.13 -21.92 -43.16
CA ARG C 46 0.84 -21.28 -42.90
C ARG C 46 -0.25 -21.74 -43.88
N THR C 47 0.18 -22.29 -45.01
CA THR C 47 -0.72 -22.91 -45.98
C THR C 47 -0.66 -24.43 -45.86
N GLY C 48 -1.71 -25.10 -46.32
CA GLY C 48 -1.77 -26.57 -46.28
C GLY C 48 -3.14 -27.10 -46.62
N THR C 49 -3.55 -28.16 -45.93
CA THR C 49 -4.87 -28.77 -46.12
C THR C 49 -5.98 -27.79 -45.72
N LEU C 50 -7.13 -27.90 -46.39
CA LEU C 50 -8.29 -27.07 -46.08
C LEU C 50 -8.65 -27.12 -44.59
N ALA C 51 -8.51 -28.30 -43.99
CA ALA C 51 -8.75 -28.49 -42.55
C ALA C 51 -7.75 -27.70 -41.71
N PHE C 52 -6.49 -27.67 -42.12
CA PHE C 52 -5.46 -26.93 -41.42
C PHE C 52 -5.69 -25.42 -41.46
N GLU C 53 -5.99 -24.90 -42.66
CA GLU C 53 -6.19 -23.47 -42.85
C GLU C 53 -7.36 -22.92 -42.06
N ARG C 54 -8.39 -23.76 -41.87
CA ARG C 54 -9.55 -23.40 -41.06
C ARG C 54 -9.19 -23.22 -39.58
N VAL C 55 -8.43 -24.17 -39.05
CA VAL C 55 -7.98 -24.13 -37.66
C VAL C 55 -7.00 -22.97 -37.43
N TYR C 56 -6.02 -22.85 -38.33
CA TYR C 56 -5.02 -21.79 -38.25
C TYR C 56 -5.67 -20.41 -38.24
N THR C 57 -6.62 -20.19 -39.15
CA THR C 57 -7.35 -18.93 -39.24
C THR C 57 -8.13 -18.65 -37.94
N ALA C 58 -8.85 -19.67 -37.46
CA ALA C 58 -9.66 -19.56 -36.24
C ALA C 58 -8.80 -19.17 -35.04
N ASN C 59 -7.66 -19.85 -34.90
CA ASN C 59 -6.68 -19.56 -33.85
C ASN C 59 -6.15 -18.13 -33.98
N GLN C 60 -5.78 -17.73 -35.19
CA GLN C 60 -5.27 -16.40 -35.47
C GLN C 60 -6.29 -15.33 -35.11
N ASN C 61 -7.56 -15.59 -35.45
CA ASN C 61 -8.65 -14.68 -35.11
C ASN C 61 -8.83 -14.50 -33.61
N CYS C 62 -8.61 -15.58 -32.86
CA CYS C 62 -8.69 -15.54 -31.41
C CYS C 62 -7.48 -14.82 -30.79
N VAL C 63 -6.29 -15.14 -31.28
CA VAL C 63 -5.04 -14.49 -30.84
C VAL C 63 -5.09 -12.96 -31.01
N ASP C 64 -5.56 -12.50 -32.18
CA ASP C 64 -5.65 -11.06 -32.47
C ASP C 64 -6.45 -10.27 -31.43
N ALA C 65 -7.54 -10.88 -30.94
CA ALA C 65 -8.49 -10.20 -30.05
C ALA C 65 -8.12 -10.33 -28.57
N TYR C 66 -7.24 -11.27 -28.25
CA TYR C 66 -6.93 -11.62 -26.87
C TYR C 66 -6.27 -10.52 -26.01
N PRO C 67 -5.30 -9.77 -26.57
CA PRO C 67 -4.73 -8.70 -25.74
C PRO C 67 -5.77 -7.61 -25.43
N THR C 68 -6.65 -7.31 -26.38
CA THR C 68 -7.77 -6.42 -26.14
C THR C 68 -8.63 -6.93 -24.98
N PHE C 69 -9.00 -8.21 -25.04
CA PHE C 69 -9.82 -8.83 -24.00
C PHE C 69 -9.19 -8.74 -22.61
N LEU C 70 -7.90 -9.07 -22.54
CA LEU C 70 -7.17 -9.06 -21.28
C LEU C 70 -7.08 -7.65 -20.71
N ALA C 71 -6.83 -6.67 -21.58
CA ALA C 71 -6.76 -5.26 -21.20
C ALA C 71 -8.08 -4.74 -20.62
N VAL C 72 -9.20 -5.05 -21.26
CA VAL C 72 -10.51 -4.64 -20.73
C VAL C 72 -10.96 -5.46 -19.51
N LEU C 73 -10.55 -6.73 -19.46
CA LEU C 73 -10.85 -7.57 -18.30
C LEU C 73 -10.25 -6.99 -17.04
N TRP C 74 -8.96 -6.66 -17.09
CA TRP C 74 -8.24 -6.12 -15.94
C TRP C 74 -8.59 -4.68 -15.64
N SER C 75 -8.82 -3.86 -16.66
CA SER C 75 -9.32 -2.50 -16.47
C SER C 75 -10.65 -2.53 -15.69
N ALA C 76 -11.61 -3.31 -16.18
CA ALA C 76 -12.91 -3.44 -15.53
C ALA C 76 -12.81 -3.99 -14.11
N GLY C 77 -12.03 -5.07 -13.94
CA GLY C 77 -11.88 -5.73 -12.65
C GLY C 77 -11.20 -4.91 -11.57
N LEU C 78 -10.25 -4.06 -11.98
CA LEU C 78 -9.48 -3.26 -11.04
C LEU C 78 -10.11 -1.89 -10.74
N LEU C 79 -10.70 -1.27 -11.76
CA LEU C 79 -11.22 0.09 -11.64
C LEU C 79 -12.69 0.17 -11.23
N CYS C 80 -13.45 -0.89 -11.54
CA CYS C 80 -14.89 -0.89 -11.29
C CYS C 80 -15.29 -1.88 -10.20
N SER C 81 -15.42 -3.15 -10.58
CA SER C 81 -15.82 -4.22 -9.65
C SER C 81 -15.33 -5.57 -10.17
N GLN C 82 -14.69 -6.35 -9.29
CA GLN C 82 -14.03 -7.60 -9.69
C GLN C 82 -14.99 -8.70 -10.14
N VAL C 83 -16.01 -9.00 -9.34
CA VAL C 83 -16.93 -10.13 -9.61
C VAL C 83 -17.61 -10.06 -11.00
N PRO C 84 -18.28 -8.94 -11.34
CA PRO C 84 -18.97 -8.88 -12.63
C PRO C 84 -18.02 -8.98 -13.82
N ALA C 85 -16.85 -8.35 -13.68
CA ALA C 85 -15.83 -8.40 -14.72
C ALA C 85 -15.36 -9.83 -14.95
N ALA C 86 -15.10 -10.54 -13.85
CA ALA C 86 -14.67 -11.93 -13.89
C ALA C 86 -15.72 -12.84 -14.53
N PHE C 87 -16.98 -12.60 -14.17
CA PHE C 87 -18.11 -13.35 -14.72
C PHE C 87 -18.23 -13.13 -16.22
N ALA C 88 -18.13 -11.86 -16.65
CA ALA C 88 -18.12 -11.51 -18.07
C ALA C 88 -16.89 -12.12 -18.78
N GLY C 89 -15.77 -12.21 -18.06
CA GLY C 89 -14.56 -12.86 -18.57
C GLY C 89 -14.78 -14.33 -18.86
N LEU C 90 -15.49 -15.02 -17.95
CA LEU C 90 -15.88 -16.42 -18.14
C LEU C 90 -16.79 -16.56 -19.35
N MET C 91 -17.79 -15.68 -19.44
CA MET C 91 -18.73 -15.64 -20.57
C MET C 91 -18.02 -15.49 -21.91
N TYR C 92 -16.96 -14.68 -21.93
CA TYR C 92 -16.16 -14.48 -23.12
C TYR C 92 -15.51 -15.78 -23.57
N LEU C 93 -15.01 -16.55 -22.61
CA LEU C 93 -14.30 -17.80 -22.88
C LEU C 93 -15.23 -18.88 -23.44
N PHE C 94 -16.47 -18.92 -22.94
CA PHE C 94 -17.50 -19.81 -23.48
C PHE C 94 -17.84 -19.44 -24.93
N VAL C 95 -17.99 -18.14 -25.18
CA VAL C 95 -18.25 -17.62 -26.53
C VAL C 95 -17.06 -17.91 -27.46
N ARG C 96 -15.83 -17.72 -26.96
CA ARG C 96 -14.63 -18.07 -27.72
C ARG C 96 -14.63 -19.52 -28.17
N GLN C 97 -14.93 -20.41 -27.23
CA GLN C 97 -14.97 -21.85 -27.48
C GLN C 97 -15.96 -22.20 -28.58
N LYS C 98 -17.17 -21.65 -28.49
CA LYS C 98 -18.22 -21.87 -29.50
C LYS C 98 -17.86 -21.27 -30.85
N TYR C 99 -17.15 -20.14 -30.83
CA TYR C 99 -16.67 -19.48 -32.05
C TYR C 99 -15.62 -20.33 -32.74
N PHE C 100 -14.63 -20.79 -31.98
CA PHE C 100 -13.53 -21.61 -32.48
C PHE C 100 -14.05 -22.93 -33.07
N VAL C 101 -14.92 -23.60 -32.32
CA VAL C 101 -15.52 -24.88 -32.74
C VAL C 101 -16.33 -24.72 -34.04
N GLY C 102 -16.91 -23.54 -34.23
CA GLY C 102 -17.65 -23.21 -35.46
C GLY C 102 -16.82 -23.31 -36.73
N TYR C 103 -15.52 -23.02 -36.62
CA TYR C 103 -14.59 -23.14 -37.73
C TYR C 103 -14.23 -24.59 -38.05
N LEU C 104 -14.40 -25.46 -37.06
CA LEU C 104 -14.04 -26.88 -37.20
C LEU C 104 -15.09 -27.70 -37.97
N GLY C 105 -16.04 -27.01 -38.60
CA GLY C 105 -17.10 -27.66 -39.37
C GLY C 105 -16.60 -28.28 -40.66
N THR C 111 -18.35 -21.03 -41.75
CA THR C 111 -17.71 -20.57 -40.51
C THR C 111 -18.20 -19.16 -40.14
N PRO C 112 -18.16 -18.82 -38.83
CA PRO C 112 -18.47 -17.46 -38.38
C PRO C 112 -17.49 -16.42 -38.93
N GLY C 113 -17.81 -15.14 -38.72
CA GLY C 113 -16.99 -14.03 -39.23
C GLY C 113 -15.68 -13.83 -38.49
N TYR C 114 -15.10 -12.64 -38.65
CA TYR C 114 -13.83 -12.31 -38.03
C TYR C 114 -13.98 -11.95 -36.54
N ILE C 115 -14.92 -11.07 -36.24
CA ILE C 115 -15.13 -10.59 -34.87
C ILE C 115 -16.12 -11.48 -34.11
N PHE C 116 -15.87 -11.62 -32.80
CA PHE C 116 -16.74 -12.36 -31.90
C PHE C 116 -16.76 -11.73 -30.51
N GLY C 117 -17.84 -11.96 -29.77
CA GLY C 117 -17.99 -11.47 -28.40
C GLY C 117 -17.96 -9.96 -28.25
N LYS C 118 -18.44 -9.25 -29.28
CA LYS C 118 -18.47 -7.78 -29.30
C LYS C 118 -19.10 -7.16 -28.05
N ARG C 119 -20.22 -7.74 -27.60
CA ARG C 119 -21.00 -7.16 -26.51
C ARG C 119 -20.33 -7.31 -25.14
N ILE C 120 -19.59 -8.40 -24.97
CA ILE C 120 -18.82 -8.64 -23.74
C ILE C 120 -17.65 -7.65 -23.62
N ILE C 121 -16.90 -7.50 -24.71
CA ILE C 121 -15.81 -6.51 -24.78
C ILE C 121 -16.35 -5.10 -24.55
N LEU C 122 -17.54 -4.82 -25.10
CA LEU C 122 -18.22 -3.53 -24.92
C LEU C 122 -18.62 -3.31 -23.46
N PHE C 123 -19.20 -4.33 -22.84
CA PHE C 123 -19.63 -4.28 -21.45
C PHE C 123 -18.45 -4.07 -20.50
N LEU C 124 -17.37 -4.80 -20.75
CA LEU C 124 -16.13 -4.65 -19.97
C LEU C 124 -15.49 -3.28 -20.19
N PHE C 125 -15.56 -2.78 -21.42
CA PHE C 125 -15.10 -1.42 -21.75
C PHE C 125 -15.93 -0.38 -21.00
N LEU C 126 -17.24 -0.60 -20.92
CA LEU C 126 -18.16 0.29 -20.22
C LEU C 126 -17.91 0.33 -18.73
N MET C 127 -17.62 -0.83 -18.15
CA MET C 127 -17.23 -0.94 -16.74
C MET C 127 -15.96 -0.15 -16.44
N SER C 128 -15.02 -0.15 -17.38
CA SER C 128 -13.75 0.55 -17.22
C SER C 128 -13.93 2.07 -17.23
N VAL C 129 -14.83 2.54 -18.09
CA VAL C 129 -15.18 3.96 -18.17
C VAL C 129 -15.93 4.39 -16.91
N ALA C 130 -16.88 3.57 -16.48
CA ALA C 130 -17.63 3.80 -15.24
C ALA C 130 -16.70 3.82 -14.02
N GLY C 131 -15.67 3.00 -14.04
CA GLY C 131 -14.67 2.94 -12.99
C GLY C 131 -13.79 4.19 -12.93
N ILE C 132 -13.40 4.69 -14.09
CA ILE C 132 -12.59 5.92 -14.18
C ILE C 132 -13.40 7.14 -13.73
N PHE C 133 -14.65 7.22 -14.15
CA PHE C 133 -15.57 8.28 -13.69
C PHE C 133 -15.75 8.23 -12.18
N ASN C 134 -15.83 7.02 -11.63
CA ASN C 134 -15.96 6.80 -10.19
C ASN C 134 -14.76 7.34 -9.42
N TYR C 135 -13.56 7.03 -9.91
CA TYR C 135 -12.32 7.54 -9.33
C TYR C 135 -12.35 9.07 -9.22
N TYR C 136 -12.67 9.74 -10.33
CA TYR C 136 -12.67 11.20 -10.38
C TYR C 136 -13.72 11.84 -9.49
N LEU C 137 -14.87 11.19 -9.32
CA LEU C 137 -15.90 11.67 -8.41
C LEU C 137 -15.41 11.66 -6.96
N ILE C 138 -14.68 10.61 -6.59
CA ILE C 138 -14.10 10.48 -5.25
C ILE C 138 -12.91 11.43 -5.06
N PHE C 139 -12.11 11.61 -6.11
CA PHE C 139 -10.94 12.49 -6.06
C PHE C 139 -11.34 13.95 -5.87
N PHE C 140 -12.29 14.41 -6.68
CA PHE C 140 -12.81 15.78 -6.59
C PHE C 140 -13.57 16.02 -5.29
N PHE C 141 -14.20 14.96 -4.77
CA PHE C 141 -14.84 15.00 -3.47
C PHE C 141 -13.80 15.14 -2.35
N GLY C 142 -12.68 14.43 -2.51
CA GLY C 142 -11.58 14.47 -1.54
C GLY C 142 -10.86 15.80 -1.48
N SER C 143 -10.66 16.42 -2.63
CA SER C 143 -10.01 17.72 -2.71
C SER C 143 -10.94 18.87 -2.31
N ASP C 144 -12.25 18.64 -2.50
CA ASP C 144 -13.27 19.60 -2.07
C ASP C 144 -13.39 19.59 -0.55
N PHE C 145 -13.23 18.42 0.05
CA PHE C 145 -13.22 18.26 1.49
C PHE C 145 -11.94 18.82 2.10
N GLU C 146 -10.82 18.67 1.38
CA GLU C 146 -9.52 19.17 1.83
C GLU C 146 -9.49 20.69 1.90
N ASN C 147 -10.03 21.35 0.87
CA ASN C 147 -10.09 22.81 0.81
C ASN C 147 -11.08 23.41 1.80
N TYR C 148 -12.15 22.66 2.08
CA TYR C 148 -13.17 23.04 3.06
C TYR C 148 -12.60 23.10 4.47
N ILE C 149 -11.77 22.11 4.82
CA ILE C 149 -11.10 22.07 6.12
C ILE C 149 -10.05 23.17 6.23
N ALA C 150 -9.29 23.38 5.15
CA ALA C 150 -8.23 24.39 5.11
C ALA C 150 -8.74 25.82 5.21
N THR C 151 -9.93 26.06 4.64
CA THR C 151 -10.58 27.38 4.71
C THR C 151 -11.13 27.64 6.11
N ILE C 152 -11.76 26.62 6.70
CA ILE C 152 -12.27 26.71 8.08
C ILE C 152 -11.15 26.93 9.08
N SER C 153 -10.04 26.21 8.91
CA SER C 153 -8.87 26.32 9.79
C SER C 153 -8.32 27.75 9.86
N THR C 154 -8.41 28.47 8.76
CA THR C 154 -7.98 29.86 8.69
C THR C 154 -9.02 30.79 9.31
N THR C 155 -10.30 30.44 9.15
CA THR C 155 -11.41 31.22 9.69
C THR C 155 -11.51 31.07 11.21
N ILE C 156 -11.30 29.83 11.69
CA ILE C 156 -11.39 29.52 13.12
C ILE C 156 -10.08 29.82 13.87
N SER C 157 -9.05 30.21 13.11
CA SER C 157 -7.70 30.44 13.64
C SER C 157 -7.60 31.40 14.83
N PRO C 158 -8.25 32.58 14.77
CA PRO C 158 -8.13 33.49 15.92
C PRO C 158 -8.95 33.06 17.15
N LEU C 159 -10.02 32.30 16.92
CA LEU C 159 -10.95 31.89 17.97
C LEU C 159 -10.30 31.02 19.05
N LEU C 160 -9.32 30.21 18.67
CA LEU C 160 -8.67 29.26 19.58
C LEU C 160 -7.45 29.83 20.32
N LEU C 161 -7.30 31.16 20.29
CA LEU C 161 -6.22 31.83 21.01
C LEU C 161 -6.76 32.70 22.13
N LEU D 3 8.65 2.27 6.95
CA LEU D 3 7.54 2.90 6.15
C LEU D 3 8.05 3.42 4.82
N ASP D 4 7.18 3.42 3.82
CA ASP D 4 7.53 3.85 2.46
C ASP D 4 7.49 5.37 2.31
N GLN D 5 7.79 5.86 1.11
CA GLN D 5 7.89 7.29 0.81
C GLN D 5 6.56 8.02 0.85
N GLU D 6 5.49 7.35 0.41
CA GLU D 6 4.15 7.95 0.40
C GLU D 6 3.58 8.19 1.80
N THR D 7 3.70 7.18 2.66
CA THR D 7 3.18 7.24 4.03
C THR D 7 3.90 8.32 4.85
N VAL D 8 5.23 8.35 4.77
CA VAL D 8 6.04 9.35 5.47
C VAL D 8 5.65 10.76 5.05
N GLY D 9 5.35 10.94 3.76
CA GLY D 9 4.87 12.22 3.24
C GLY D 9 3.55 12.68 3.82
N ASN D 10 2.75 11.72 4.28
CA ASN D 10 1.47 12.01 4.91
C ASN D 10 1.57 12.23 6.43
N VAL D 11 2.75 11.98 6.99
CA VAL D 11 2.96 12.10 8.43
C VAL D 11 4.11 13.03 8.83
N VAL D 12 4.91 13.48 7.85
CA VAL D 12 6.15 14.23 8.13
C VAL D 12 5.93 15.52 8.95
N LEU D 13 4.83 16.23 8.67
CA LEU D 13 4.52 17.48 9.38
C LEU D 13 4.02 17.20 10.79
N LEU D 14 3.31 16.09 10.95
CA LEU D 14 2.84 15.64 12.27
C LEU D 14 4.00 15.12 13.11
N ALA D 15 4.98 14.52 12.44
CA ALA D 15 6.17 13.99 13.09
C ALA D 15 7.09 15.10 13.60
N ILE D 16 7.23 16.16 12.81
CA ILE D 16 8.05 17.32 13.19
C ILE D 16 7.44 18.03 14.42
N VAL D 17 6.12 18.23 14.39
CA VAL D 17 5.39 18.83 15.51
C VAL D 17 5.54 17.99 16.79
N THR D 18 5.50 16.67 16.64
CA THR D 18 5.72 15.74 17.75
C THR D 18 7.15 15.87 18.32
N LEU D 19 8.13 16.00 17.43
CA LEU D 19 9.54 16.12 17.86
C LEU D 19 9.83 17.44 18.59
N ILE D 20 9.14 18.51 18.18
CA ILE D 20 9.27 19.81 18.84
C ILE D 20 8.61 19.74 20.23
N SER D 21 7.48 19.03 20.31
CA SER D 21 6.81 18.79 21.59
C SER D 21 7.70 17.99 22.55
N VAL D 22 8.48 17.06 21.99
CA VAL D 22 9.46 16.28 22.75
C VAL D 22 10.55 17.19 23.33
N VAL D 23 11.07 18.10 22.50
CA VAL D 23 12.06 19.09 22.95
C VAL D 23 11.48 19.97 24.05
N GLN D 24 10.22 20.38 23.87
CA GLN D 24 9.51 21.18 24.86
C GLN D 24 9.28 20.39 26.16
N ASN D 25 8.95 19.11 26.04
CA ASN D 25 8.78 18.23 27.20
C ASN D 25 10.08 18.03 27.97
N GLY D 26 11.18 17.89 27.24
CA GLY D 26 12.51 17.78 27.83
C GLY D 26 12.92 19.08 28.49
N PHE D 27 12.55 20.20 27.87
CA PHE D 27 12.78 21.54 28.43
C PHE D 27 12.07 21.73 29.77
N PHE D 28 10.81 21.26 29.84
CA PHE D 28 10.02 21.37 31.08
C PHE D 28 10.60 20.51 32.20
N ALA D 29 11.04 19.30 31.84
CA ALA D 29 11.64 18.36 32.80
C ALA D 29 12.99 18.87 33.31
N HIS D 30 13.72 19.57 32.44
CA HIS D 30 14.98 20.20 32.80
C HIS D 30 14.77 21.37 33.76
N LYS D 31 13.63 22.04 33.62
CA LYS D 31 13.27 23.17 34.48
C LYS D 31 12.96 22.74 35.91
N VAL D 32 12.52 21.49 36.06
CA VAL D 32 12.25 20.90 37.38
C VAL D 32 13.57 20.46 38.04
N GLU D 33 14.43 19.80 37.28
CA GLU D 33 15.73 19.33 37.75
C GLU D 33 16.64 20.49 38.17
N HIS D 34 16.59 21.58 37.41
CA HIS D 34 17.36 22.80 37.70
C HIS D 34 16.90 23.44 39.02
N GLU D 35 15.59 23.43 39.26
CA GLU D 35 15.00 24.04 40.45
C GLU D 35 15.12 23.12 41.67
N SER D 36 15.31 21.83 41.44
CA SER D 36 15.40 20.84 42.51
C SER D 36 16.71 20.96 43.31
N ARG D 37 17.83 21.04 42.61
CA ARG D 37 19.15 21.05 43.24
C ARG D 37 19.51 22.38 43.89
N THR D 38 18.98 23.47 43.35
CA THR D 38 19.22 24.82 43.89
C THR D 38 18.39 25.08 45.13
N SER D 43 18.86 14.85 47.16
CA SER D 43 17.96 13.92 46.47
C SER D 43 16.62 14.59 46.14
N PHE D 44 15.95 14.04 45.13
CA PHE D 44 14.69 14.61 44.64
C PHE D 44 13.50 14.27 45.54
N GLN D 45 12.65 15.27 45.76
CA GLN D 45 11.40 15.11 46.51
C GLN D 45 10.28 15.91 45.82
N ARG D 46 9.04 15.53 46.09
CA ARG D 46 7.87 16.19 45.47
C ARG D 46 7.64 17.61 45.99
N THR D 47 7.88 17.82 47.29
CA THR D 47 7.72 19.12 47.92
C THR D 47 9.05 19.88 48.03
N GLY D 48 9.00 21.09 48.57
CA GLY D 48 10.18 21.92 48.74
C GLY D 48 9.82 23.39 48.82
N THR D 49 10.57 24.22 48.11
CA THR D 49 10.31 25.66 48.06
C THR D 49 9.04 25.96 47.25
N LEU D 50 8.52 27.18 47.39
CA LEU D 50 7.33 27.61 46.65
C LEU D 50 7.59 27.69 45.15
N ALA D 51 8.80 28.11 44.79
CA ALA D 51 9.22 28.20 43.39
C ALA D 51 9.34 26.82 42.74
N PHE D 52 9.83 25.85 43.49
CA PHE D 52 9.97 24.48 43.01
C PHE D 52 8.62 23.79 42.83
N GLU D 53 7.70 24.04 43.77
CA GLU D 53 6.35 23.48 43.71
C GLU D 53 5.54 24.05 42.54
N ARG D 54 5.92 25.23 42.08
CA ARG D 54 5.26 25.87 40.94
C ARG D 54 5.70 25.27 39.60
N VAL D 55 6.99 25.00 39.46
CA VAL D 55 7.55 24.38 38.26
C VAL D 55 7.09 22.93 38.14
N TYR D 56 7.06 22.23 39.27
CA TYR D 56 6.62 20.84 39.33
C TYR D 56 5.14 20.70 38.95
N THR D 57 4.31 21.60 39.47
CA THR D 57 2.88 21.62 39.16
C THR D 57 2.64 21.97 37.68
N ALA D 58 3.42 22.94 37.17
CA ALA D 58 3.34 23.34 35.77
C ALA D 58 3.67 22.18 34.84
N ASN D 59 4.78 21.50 35.12
CA ASN D 59 5.21 20.33 34.37
C ASN D 59 4.21 19.19 34.46
N GLN D 60 3.63 19.01 35.64
CA GLN D 60 2.65 17.97 35.89
C GLN D 60 1.37 18.20 35.09
N ASN D 61 0.95 19.47 35.02
CA ASN D 61 -0.24 19.85 34.25
C ASN D 61 -0.04 19.71 32.74
N CYS D 62 1.20 19.87 32.29
CA CYS D 62 1.56 19.69 30.89
C CYS D 62 1.62 18.20 30.51
N VAL D 63 2.22 17.40 31.40
CA VAL D 63 2.36 15.95 31.19
C VAL D 63 1.00 15.24 31.19
N ASP D 64 0.07 15.74 32.01
CA ASP D 64 -1.26 15.15 32.12
C ASP D 64 -2.08 15.21 30.83
N ALA D 65 -1.99 16.34 30.11
CA ALA D 65 -2.79 16.55 28.91
C ALA D 65 -2.10 16.12 27.62
N TYR D 66 -0.81 15.79 27.73
CA TYR D 66 0.02 15.47 26.56
C TYR D 66 -0.42 14.24 25.76
N PRO D 67 -0.72 13.10 26.44
CA PRO D 67 -1.22 11.96 25.68
C PRO D 67 -2.54 12.24 24.95
N THR D 68 -3.38 13.11 25.52
CA THR D 68 -4.63 13.54 24.88
C THR D 68 -4.30 14.38 23.64
N PHE D 69 -3.30 15.25 23.76
CA PHE D 69 -2.87 16.10 22.66
C PHE D 69 -2.40 15.28 21.45
N LEU D 70 -1.50 14.32 21.69
CA LEU D 70 -0.99 13.45 20.63
C LEU D 70 -2.10 12.63 19.98
N ALA D 71 -3.00 12.10 20.80
CA ALA D 71 -4.13 11.31 20.30
C ALA D 71 -4.93 12.08 19.26
N VAL D 72 -5.28 13.32 19.56
CA VAL D 72 -6.07 14.16 18.64
C VAL D 72 -5.24 14.82 17.54
N LEU D 73 -3.94 15.01 17.79
CA LEU D 73 -3.04 15.55 16.76
C LEU D 73 -2.91 14.55 15.61
N TRP D 74 -2.64 13.29 15.97
CA TRP D 74 -2.47 12.24 14.98
C TRP D 74 -3.78 11.74 14.38
N SER D 75 -4.85 11.74 15.18
CA SER D 75 -6.18 11.39 14.67
C SER D 75 -6.60 12.35 13.55
N ALA D 76 -6.57 13.65 13.86
CA ALA D 76 -6.95 14.68 12.89
C ALA D 76 -6.03 14.70 11.67
N GLY D 77 -4.73 14.52 11.89
CA GLY D 77 -3.75 14.57 10.82
C GLY D 77 -3.79 13.41 9.84
N LEU D 78 -4.15 12.22 10.35
CA LEU D 78 -4.21 11.01 9.53
C LEU D 78 -5.58 10.79 8.91
N LEU D 79 -6.63 11.10 9.67
CA LEU D 79 -8.01 10.83 9.26
C LEU D 79 -8.69 11.97 8.50
N CYS D 80 -8.21 13.19 8.70
CA CYS D 80 -8.83 14.38 8.11
C CYS D 80 -7.91 15.10 7.12
N SER D 81 -6.92 15.84 7.65
CA SER D 81 -5.98 16.60 6.83
C SER D 81 -4.72 16.91 7.61
N GLN D 82 -3.56 16.68 7.00
CA GLN D 82 -2.28 16.81 7.70
C GLN D 82 -1.88 18.25 8.03
N VAL D 83 -1.90 19.12 7.02
CA VAL D 83 -1.44 20.50 7.15
C VAL D 83 -2.13 21.28 8.28
N PRO D 84 -3.48 21.32 8.29
CA PRO D 84 -4.19 22.07 9.35
C PRO D 84 -3.93 21.51 10.75
N ALA D 85 -3.92 20.19 10.89
CA ALA D 85 -3.67 19.53 12.16
C ALA D 85 -2.28 19.84 12.70
N ALA D 86 -1.29 19.82 11.82
CA ALA D 86 0.09 20.17 12.18
C ALA D 86 0.18 21.65 12.59
N PHE D 87 -0.60 22.49 11.93
CA PHE D 87 -0.65 23.92 12.24
C PHE D 87 -1.32 24.17 13.59
N ALA D 88 -2.42 23.47 13.84
CA ALA D 88 -3.11 23.52 15.14
C ALA D 88 -2.24 22.95 16.26
N GLY D 89 -1.44 21.93 15.93
CA GLY D 89 -0.50 21.33 16.88
C GLY D 89 0.63 22.27 17.24
N LEU D 90 1.08 23.06 16.27
CA LEU D 90 2.15 24.04 16.48
C LEU D 90 1.68 25.19 17.35
N MET D 91 0.40 25.55 17.23
CA MET D 91 -0.22 26.58 18.05
C MET D 91 -0.35 26.13 19.50
N TYR D 92 -0.67 24.86 19.70
CA TYR D 92 -0.78 24.24 21.02
C TYR D 92 0.55 24.33 21.78
N LEU D 93 1.65 24.19 21.06
CA LEU D 93 2.99 24.27 21.65
C LEU D 93 3.33 25.70 22.08
N PHE D 94 2.86 26.67 21.32
CA PHE D 94 3.00 28.09 21.67
C PHE D 94 2.21 28.43 22.93
N VAL D 95 0.99 27.89 23.02
CA VAL D 95 0.14 28.07 24.21
C VAL D 95 0.77 27.38 25.43
N ARG D 96 1.31 26.17 25.22
CA ARG D 96 2.00 25.42 26.28
C ARG D 96 3.13 26.22 26.92
N GLN D 97 3.90 26.91 26.08
CA GLN D 97 5.04 27.70 26.55
C GLN D 97 4.57 28.88 27.40
N LYS D 98 3.53 29.58 26.95
CA LYS D 98 2.95 30.70 27.68
C LYS D 98 2.28 30.25 28.98
N TYR D 99 1.78 29.02 28.99
CA TYR D 99 1.16 28.43 30.18
C TYR D 99 2.21 28.06 31.23
N PHE D 100 3.34 27.53 30.76
CA PHE D 100 4.42 27.08 31.63
C PHE D 100 5.17 28.24 32.28
N VAL D 101 5.48 29.28 31.49
CA VAL D 101 6.18 30.47 31.99
C VAL D 101 5.28 31.25 32.96
N GLY D 102 3.98 31.22 32.72
CA GLY D 102 3.00 31.82 33.63
C GLY D 102 3.03 31.29 35.05
N TYR D 103 3.67 30.13 35.24
CA TYR D 103 3.87 29.52 36.55
C TYR D 103 5.18 29.97 37.20
N LEU D 104 6.13 30.37 36.37
CA LEU D 104 7.49 30.71 36.83
C LEU D 104 7.59 32.07 37.54
N GLY D 105 6.47 32.78 37.64
CA GLY D 105 6.42 34.07 38.30
C GLY D 105 5.10 34.79 38.08
N GLN D 109 2.22 37.50 42.95
CA GLN D 109 2.41 36.67 41.76
C GLN D 109 1.16 35.86 41.46
N SER D 110 0.76 35.86 40.18
CA SER D 110 -0.44 35.14 39.72
C SER D 110 -0.08 33.91 38.90
N THR D 111 -1.05 33.02 38.71
CA THR D 111 -0.84 31.75 38.02
C THR D 111 -2.13 31.23 37.36
N PRO D 112 -2.04 30.82 36.08
CA PRO D 112 -3.18 30.25 35.34
C PRO D 112 -3.73 28.95 35.94
N GLY D 113 -4.90 28.53 35.49
CA GLY D 113 -5.58 27.35 36.03
C GLY D 113 -4.97 26.03 35.63
N TYR D 114 -5.79 24.99 35.59
CA TYR D 114 -5.33 23.63 35.30
C TYR D 114 -5.37 23.30 33.80
N ILE D 115 -6.51 23.58 33.16
CA ILE D 115 -6.72 23.30 31.75
C ILE D 115 -6.23 24.46 30.87
N PHE D 116 -5.54 24.11 29.78
CA PHE D 116 -5.09 25.08 28.79
C PHE D 116 -5.29 24.57 27.36
N GLY D 117 -5.40 25.49 26.41
CA GLY D 117 -5.57 25.16 25.00
C GLY D 117 -6.81 24.34 24.72
N LYS D 118 -7.90 24.67 25.40
CA LYS D 118 -9.15 23.92 25.33
C LYS D 118 -9.74 23.87 23.92
N ARG D 119 -9.69 25.00 23.22
CA ARG D 119 -10.29 25.12 21.89
C ARG D 119 -9.48 24.44 20.79
N ILE D 120 -8.16 24.42 20.96
CA ILE D 120 -7.24 23.74 20.05
C ILE D 120 -7.48 22.21 20.07
N ILE D 121 -7.58 21.66 21.28
CA ILE D 121 -7.90 20.24 21.47
C ILE D 121 -9.30 19.94 20.91
N LEU D 122 -10.23 20.88 21.12
CA LEU D 122 -11.59 20.77 20.61
C LEU D 122 -11.59 20.79 19.08
N PHE D 123 -10.72 21.61 18.49
CA PHE D 123 -10.61 21.74 17.04
C PHE D 123 -10.01 20.48 16.40
N LEU D 124 -8.97 19.94 17.02
CA LEU D 124 -8.34 18.70 16.57
C LEU D 124 -9.29 17.51 16.71
N PHE D 125 -10.10 17.51 17.77
CA PHE D 125 -11.12 16.50 17.99
C PHE D 125 -12.19 16.55 16.89
N LEU D 126 -12.61 17.76 16.54
CA LEU D 126 -13.65 17.96 15.53
C LEU D 126 -13.21 17.56 14.12
N MET D 127 -11.92 17.76 13.83
CA MET D 127 -11.33 17.30 12.58
C MET D 127 -11.36 15.78 12.49
N SER D 128 -10.98 15.13 13.59
CA SER D 128 -10.96 13.67 13.69
C SER D 128 -12.34 13.07 13.43
N VAL D 129 -13.36 13.69 13.99
CA VAL D 129 -14.75 13.25 13.82
C VAL D 129 -15.21 13.46 12.38
N ALA D 130 -14.88 14.62 11.82
CA ALA D 130 -15.24 14.96 10.44
C ALA D 130 -14.54 14.04 9.44
N GLY D 131 -13.32 13.64 9.76
CA GLY D 131 -12.55 12.70 8.94
C GLY D 131 -13.15 11.32 8.93
N ILE D 132 -13.55 10.83 10.10
CA ILE D 132 -14.25 9.56 10.23
C ILE D 132 -15.56 9.60 9.46
N PHE D 133 -16.29 10.72 9.60
CA PHE D 133 -17.54 10.94 8.89
C PHE D 133 -17.31 10.91 7.37
N ASN D 134 -16.22 11.55 6.94
CA ASN D 134 -15.83 11.57 5.52
C ASN D 134 -15.47 10.19 4.99
N TYR D 135 -14.86 9.36 5.84
CA TYR D 135 -14.53 7.98 5.49
C TYR D 135 -15.80 7.17 5.18
N TYR D 136 -16.80 7.28 6.04
CA TYR D 136 -18.05 6.52 5.90
C TYR D 136 -18.83 6.90 4.65
N LEU D 137 -18.86 8.19 4.31
CA LEU D 137 -19.56 8.69 3.14
C LEU D 137 -18.98 8.14 1.83
N ILE D 138 -17.66 8.04 1.78
CA ILE D 138 -16.97 7.45 0.62
C ILE D 138 -17.19 5.93 0.59
N PHE D 139 -17.09 5.28 1.74
CA PHE D 139 -17.30 3.84 1.86
C PHE D 139 -18.70 3.42 1.42
N PHE D 140 -19.72 4.17 1.84
CA PHE D 140 -21.10 3.90 1.47
C PHE D 140 -21.41 4.27 0.02
N PHE D 141 -20.67 5.22 -0.54
CA PHE D 141 -20.78 5.56 -1.95
C PHE D 141 -20.16 4.47 -2.81
N GLY D 142 -19.08 3.87 -2.31
CA GLY D 142 -18.40 2.76 -2.99
C GLY D 142 -19.23 1.49 -2.95
N SER D 143 -19.88 1.24 -1.81
CA SER D 143 -20.76 0.09 -1.64
C SER D 143 -22.03 0.21 -2.50
N ASP D 144 -22.52 1.43 -2.66
CA ASP D 144 -23.68 1.71 -3.52
C ASP D 144 -23.33 1.59 -5.00
N PHE D 145 -22.11 2.00 -5.35
CA PHE D 145 -21.61 1.89 -6.73
C PHE D 145 -21.41 0.42 -7.10
N GLU D 146 -20.89 -0.36 -6.15
CA GLU D 146 -20.67 -1.79 -6.33
C GLU D 146 -21.99 -2.52 -6.64
N ASN D 147 -23.01 -2.27 -5.81
CA ASN D 147 -24.31 -2.92 -5.96
C ASN D 147 -25.07 -2.47 -7.22
N TYR D 148 -24.91 -1.21 -7.58
CA TYR D 148 -25.52 -0.64 -8.79
C TYR D 148 -24.97 -1.32 -10.05
N ILE D 149 -23.66 -1.51 -10.09
CA ILE D 149 -22.98 -2.21 -11.19
C ILE D 149 -23.42 -3.67 -11.26
N ALA D 150 -23.53 -4.29 -10.10
CA ALA D 150 -23.94 -5.70 -9.98
C ALA D 150 -25.38 -5.94 -10.45
N THR D 151 -26.25 -4.96 -10.21
CA THR D 151 -27.65 -5.04 -10.62
C THR D 151 -27.76 -4.98 -12.15
N ILE D 152 -27.04 -4.05 -12.77
CA ILE D 152 -26.97 -3.92 -14.22
C ILE D 152 -26.37 -5.17 -14.87
N SER D 153 -25.32 -5.70 -14.25
CA SER D 153 -24.60 -6.87 -14.77
C SER D 153 -25.51 -8.10 -14.91
N THR D 154 -26.30 -8.36 -13.88
CA THR D 154 -27.19 -9.53 -13.85
C THR D 154 -28.35 -9.40 -14.86
N THR D 155 -28.86 -8.19 -15.02
CA THR D 155 -29.97 -7.92 -15.94
C THR D 155 -29.53 -7.99 -17.40
N ILE D 156 -28.28 -7.62 -17.64
CA ILE D 156 -27.72 -7.54 -19.00
C ILE D 156 -26.96 -8.81 -19.40
N SER D 157 -26.68 -9.67 -18.43
CA SER D 157 -25.90 -10.90 -18.66
C SER D 157 -26.43 -11.88 -19.72
N PRO D 158 -27.76 -12.10 -19.80
CA PRO D 158 -28.21 -13.00 -20.88
C PRO D 158 -28.11 -12.37 -22.27
N LEU D 159 -28.12 -11.05 -22.33
CA LEU D 159 -28.06 -10.32 -23.61
C LEU D 159 -26.66 -10.29 -24.22
N LEU D 160 -25.65 -10.48 -23.38
CA LEU D 160 -24.24 -10.41 -23.82
C LEU D 160 -23.79 -11.61 -24.64
N LEU D 161 -24.37 -12.78 -24.37
CA LEU D 161 -23.99 -14.02 -25.06
C LEU D 161 -24.73 -14.23 -26.38
N ILE D 162 -25.30 -13.15 -26.92
CA ILE D 162 -26.01 -13.16 -28.20
C ILE D 162 -25.29 -12.25 -29.19
N PRO D 163 -24.90 -12.80 -30.38
CA PRO D 163 -24.15 -12.08 -31.41
C PRO D 163 -24.84 -10.82 -31.94
N GLU D 164 -24.05 -9.92 -32.51
CA GLU D 164 -24.51 -8.63 -33.05
C GLU D 164 -25.24 -7.77 -32.02
N LEU E 3 -4.50 8.47 4.41
CA LEU E 3 -4.64 6.99 4.50
C LEU E 3 -5.73 6.47 3.58
N ASP E 4 -5.49 5.30 2.99
CA ASP E 4 -6.43 4.68 2.05
C ASP E 4 -7.69 4.16 2.74
N GLN E 5 -8.72 3.88 1.94
CA GLN E 5 -10.02 3.43 2.43
C GLN E 5 -9.95 2.11 3.19
N GLU E 6 -8.99 1.27 2.84
CA GLU E 6 -8.83 -0.04 3.46
C GLU E 6 -8.13 0.04 4.82
N THR E 7 -7.13 0.93 4.91
CA THR E 7 -6.39 1.15 6.16
C THR E 7 -7.29 1.74 7.25
N VAL E 8 -8.08 2.74 6.88
CA VAL E 8 -9.01 3.39 7.81
C VAL E 8 -10.05 2.39 8.34
N GLY E 9 -10.53 1.52 7.44
CA GLY E 9 -11.46 0.44 7.81
C GLY E 9 -10.91 -0.52 8.84
N ASN E 10 -9.58 -0.63 8.90
CA ASN E 10 -8.90 -1.48 9.88
C ASN E 10 -8.67 -0.79 11.22
N VAL E 11 -8.79 0.53 11.25
CA VAL E 11 -8.50 1.31 12.47
C VAL E 11 -9.67 2.16 12.98
N VAL E 12 -10.76 2.20 12.21
CA VAL E 12 -11.89 3.10 12.49
C VAL E 12 -12.51 2.91 13.89
N LEU E 13 -12.70 1.66 14.29
CA LEU E 13 -13.28 1.35 15.60
C LEU E 13 -12.32 1.68 16.72
N LEU E 14 -11.02 1.45 16.49
CA LEU E 14 -9.97 1.83 17.43
C LEU E 14 -9.89 3.35 17.60
N ALA E 15 -10.11 4.07 16.50
CA ALA E 15 -10.09 5.53 16.49
C ALA E 15 -11.29 6.11 17.23
N ILE E 16 -12.44 5.45 17.11
CA ILE E 16 -13.66 5.89 17.80
C ILE E 16 -13.51 5.80 19.32
N VAL E 17 -13.06 4.64 19.80
CA VAL E 17 -12.83 4.43 21.24
C VAL E 17 -11.73 5.33 21.81
N THR E 18 -10.71 5.63 21.00
CA THR E 18 -9.66 6.58 21.38
C THR E 18 -10.26 7.99 21.51
N LEU E 19 -11.14 8.36 20.59
CA LEU E 19 -11.82 9.65 20.63
C LEU E 19 -12.74 9.80 21.84
N ILE E 20 -13.40 8.70 22.24
CA ILE E 20 -14.27 8.70 23.42
C ILE E 20 -13.44 8.81 24.70
N SER E 21 -12.28 8.17 24.72
CA SER E 21 -11.36 8.24 25.86
C SER E 21 -10.80 9.65 26.05
N VAL E 22 -10.71 10.39 24.94
CA VAL E 22 -10.29 11.80 24.96
C VAL E 22 -11.35 12.69 25.61
N VAL E 23 -12.61 12.42 25.28
CA VAL E 23 -13.75 13.11 25.89
C VAL E 23 -13.77 12.85 27.41
N GLN E 24 -13.50 11.60 27.78
CA GLN E 24 -13.44 11.18 29.18
C GLN E 24 -12.25 11.83 29.91
N ASN E 25 -11.12 11.95 29.21
CA ASN E 25 -9.95 12.64 29.75
C ASN E 25 -10.20 14.12 30.00
N GLY E 26 -10.92 14.75 29.07
CA GLY E 26 -11.32 16.15 29.20
C GLY E 26 -12.34 16.36 30.29
N PHE E 27 -13.18 15.34 30.50
CA PHE E 27 -14.20 15.36 31.56
C PHE E 27 -13.56 15.31 32.95
N PHE E 28 -12.56 14.45 33.11
CA PHE E 28 -11.83 14.31 34.38
C PHE E 28 -11.06 15.60 34.71
N ALA E 29 -10.47 16.21 33.69
CA ALA E 29 -9.75 17.48 33.83
C ALA E 29 -10.71 18.62 34.20
N HIS E 30 -11.93 18.56 33.64
CA HIS E 30 -12.98 19.54 33.94
C HIS E 30 -13.40 19.47 35.41
N LYS E 31 -13.49 18.24 35.93
CA LYS E 31 -13.89 18.00 37.31
C LYS E 31 -12.81 18.50 38.30
N VAL E 32 -11.56 18.44 37.87
CA VAL E 32 -10.44 18.96 38.65
C VAL E 32 -10.46 20.49 38.64
N GLU E 33 -10.68 21.08 37.46
CA GLU E 33 -10.76 22.52 37.30
C GLU E 33 -11.92 23.12 38.10
N HIS E 34 -13.08 22.46 38.05
CA HIS E 34 -14.27 22.90 38.78
C HIS E 34 -14.01 23.03 40.29
N GLU E 35 -13.27 22.08 40.84
CA GLU E 35 -12.97 22.05 42.27
C GLU E 35 -11.88 23.07 42.65
N SER E 36 -11.04 23.43 41.68
CA SER E 36 -9.94 24.37 41.91
C SER E 36 -10.42 25.83 41.98
N ARG E 37 -11.60 26.10 41.42
CA ARG E 37 -12.20 27.44 41.46
C ARG E 37 -12.65 27.84 42.87
N THR E 38 -13.08 26.85 43.65
CA THR E 38 -13.50 27.08 45.04
C THR E 38 -12.31 27.32 45.97
N GLN E 39 -11.14 26.81 45.60
CA GLN E 39 -9.91 26.96 46.37
C GLN E 39 -9.46 28.41 46.39
N ASN E 40 -9.08 28.90 47.56
CA ASN E 40 -8.64 30.28 47.75
C ASN E 40 -7.17 30.50 47.38
N GLY E 41 -6.91 31.56 46.62
CA GLY E 41 -5.57 31.88 46.13
C GLY E 41 -5.55 32.10 44.64
N ARG E 42 -4.58 32.91 44.19
CA ARG E 42 -4.40 33.20 42.77
C ARG E 42 -3.73 32.03 42.04
N SER E 43 -2.76 31.41 42.71
CA SER E 43 -1.96 30.34 42.12
C SER E 43 -2.64 28.98 42.23
N PHE E 44 -2.54 28.19 41.15
CA PHE E 44 -3.01 26.81 41.15
C PHE E 44 -2.00 25.93 41.88
N GLN E 45 -2.53 25.01 42.68
CA GLN E 45 -1.72 24.10 43.50
C GLN E 45 -2.37 22.72 43.58
N ARG E 46 -1.55 21.69 43.76
CA ARG E 46 -2.05 20.31 43.84
C ARG E 46 -2.52 19.92 45.26
N THR E 47 -2.34 20.84 46.21
CA THR E 47 -2.81 20.66 47.58
C THR E 47 -3.96 21.63 47.90
N GLY E 48 -4.83 21.24 48.82
CA GLY E 48 -5.97 22.07 49.22
C GLY E 48 -6.94 21.36 50.13
N THR E 49 -8.22 21.45 49.80
CA THR E 49 -9.29 20.78 50.55
C THR E 49 -9.28 19.29 50.28
N LEU E 50 -9.92 18.52 51.16
CA LEU E 50 -9.99 17.06 51.03
C LEU E 50 -10.70 16.62 49.75
N ALA E 51 -11.78 17.32 49.40
CA ALA E 51 -12.56 17.03 48.20
C ALA E 51 -11.74 17.30 46.92
N PHE E 52 -10.99 18.39 46.92
CA PHE E 52 -10.14 18.76 45.78
C PHE E 52 -8.97 17.80 45.60
N GLU E 53 -8.36 17.38 46.71
CA GLU E 53 -7.24 16.43 46.68
C GLU E 53 -7.68 15.04 46.22
N ARG E 54 -8.91 14.68 46.52
CA ARG E 54 -9.48 13.38 46.11
C ARG E 54 -9.72 13.33 44.60
N VAL E 55 -10.20 14.43 44.04
CA VAL E 55 -10.46 14.53 42.59
C VAL E 55 -9.15 14.55 41.81
N TYR E 56 -8.18 15.33 42.29
CA TYR E 56 -6.87 15.43 41.64
C TYR E 56 -6.11 14.10 41.64
N THR E 57 -6.19 13.37 42.74
CA THR E 57 -5.55 12.05 42.86
C THR E 57 -6.24 11.04 41.95
N ALA E 58 -7.57 11.13 41.86
CA ALA E 58 -8.37 10.28 40.98
C ALA E 58 -7.98 10.48 39.52
N ASN E 59 -7.86 11.75 39.12
CA ASN E 59 -7.43 12.12 37.78
C ASN E 59 -6.02 11.63 37.48
N GLN E 60 -5.10 11.85 38.42
CA GLN E 60 -3.69 11.46 38.26
C GLN E 60 -3.52 9.95 38.17
N ASN E 61 -4.36 9.20 38.89
CA ASN E 61 -4.36 7.74 38.82
C ASN E 61 -4.79 7.22 37.44
N CYS E 62 -5.72 7.91 36.81
CA CYS E 62 -6.16 7.58 35.45
C CYS E 62 -5.11 7.99 34.42
N VAL E 63 -4.57 9.20 34.59
CA VAL E 63 -3.52 9.74 33.71
C VAL E 63 -2.27 8.86 33.67
N ASP E 64 -1.92 8.28 34.82
CA ASP E 64 -0.75 7.40 34.94
C ASP E 64 -0.88 6.13 34.09
N ALA E 65 -2.10 5.60 34.00
CA ALA E 65 -2.34 4.33 33.32
C ALA E 65 -2.72 4.48 31.85
N TYR E 66 -3.10 5.70 31.46
CA TYR E 66 -3.63 5.98 30.11
C TYR E 66 -2.69 5.65 28.93
N PRO E 67 -1.39 6.02 29.03
CA PRO E 67 -0.48 5.63 27.96
C PRO E 67 -0.40 4.12 27.77
N THR E 68 -0.30 3.39 28.89
CA THR E 68 -0.27 1.93 28.88
C THR E 68 -1.52 1.36 28.19
N PHE E 69 -2.68 1.88 28.57
CA PHE E 69 -3.95 1.49 27.96
C PHE E 69 -3.96 1.74 26.45
N LEU E 70 -3.50 2.91 26.04
CA LEU E 70 -3.50 3.30 24.64
C LEU E 70 -2.53 2.45 23.84
N ALA E 71 -1.42 2.07 24.46
CA ALA E 71 -0.42 1.19 23.84
C ALA E 71 -0.98 -0.21 23.59
N VAL E 72 -1.63 -0.80 24.58
CA VAL E 72 -2.18 -2.15 24.45
C VAL E 72 -3.47 -2.20 23.63
N LEU E 73 -4.22 -1.10 23.64
CA LEU E 73 -5.43 -0.98 22.80
C LEU E 73 -5.06 -1.04 21.33
N TRP E 74 -4.04 -0.30 20.94
CA TRP E 74 -3.62 -0.22 19.54
C TRP E 74 -2.77 -1.41 19.10
N SER E 75 -1.94 -1.92 20.00
CA SER E 75 -1.18 -3.15 19.74
C SER E 75 -2.12 -4.31 19.43
N ALA E 76 -3.15 -4.47 20.25
CA ALA E 76 -4.12 -5.55 20.09
C ALA E 76 -4.95 -5.39 18.82
N GLY E 77 -5.49 -4.19 18.60
CA GLY E 77 -6.36 -3.92 17.46
C GLY E 77 -5.67 -3.99 16.11
N LEU E 78 -4.39 -3.65 16.06
CA LEU E 78 -3.61 -3.66 14.83
C LEU E 78 -3.00 -5.02 14.53
N LEU E 79 -2.51 -5.69 15.57
CA LEU E 79 -1.73 -6.92 15.42
C LEU E 79 -2.57 -8.20 15.52
N CYS E 80 -3.66 -8.15 16.29
CA CYS E 80 -4.50 -9.32 16.49
C CYS E 80 -5.82 -9.23 15.71
N SER E 81 -6.79 -8.52 16.28
CA SER E 81 -8.10 -8.32 15.66
C SER E 81 -8.70 -7.01 16.17
N GLN E 82 -9.37 -6.27 15.28
CA GLN E 82 -9.87 -4.94 15.62
C GLN E 82 -11.05 -4.94 16.59
N VAL E 83 -12.10 -5.68 16.25
CA VAL E 83 -13.36 -5.66 17.01
C VAL E 83 -13.19 -6.00 18.51
N PRO E 84 -12.61 -7.17 18.84
CA PRO E 84 -12.47 -7.53 20.25
C PRO E 84 -11.66 -6.53 21.07
N ALA E 85 -10.60 -5.99 20.46
CA ALA E 85 -9.78 -4.96 21.11
C ALA E 85 -10.57 -3.67 21.35
N ALA E 86 -11.33 -3.26 20.35
CA ALA E 86 -12.17 -2.06 20.44
C ALA E 86 -13.29 -2.23 21.46
N PHE E 87 -13.80 -3.46 21.57
CA PHE E 87 -14.86 -3.79 22.51
C PHE E 87 -14.34 -3.76 23.96
N ALA E 88 -13.18 -4.39 24.18
CA ALA E 88 -12.54 -4.42 25.48
C ALA E 88 -12.02 -3.04 25.90
N GLY E 89 -11.62 -2.24 24.91
CA GLY E 89 -11.20 -0.85 25.13
C GLY E 89 -12.36 0.04 25.54
N LEU E 90 -13.54 -0.28 25.02
CA LEU E 90 -14.78 0.42 25.37
C LEU E 90 -15.15 0.10 26.82
N MET E 91 -14.95 -1.16 27.22
CA MET E 91 -15.22 -1.61 28.58
C MET E 91 -14.33 -0.90 29.60
N TYR E 92 -13.06 -0.70 29.25
CA TYR E 92 -12.10 0.03 30.07
C TYR E 92 -12.58 1.44 30.42
N LEU E 93 -13.21 2.08 29.44
CA LEU E 93 -13.77 3.43 29.62
C LEU E 93 -14.96 3.43 30.58
N PHE E 94 -15.72 2.33 30.60
CA PHE E 94 -16.81 2.15 31.56
C PHE E 94 -16.27 1.85 32.96
N VAL E 95 -15.18 1.09 33.01
CA VAL E 95 -14.50 0.77 34.28
C VAL E 95 -13.83 2.02 34.86
N ARG E 96 -13.28 2.87 33.98
CA ARG E 96 -12.67 4.14 34.37
C ARG E 96 -13.68 5.09 35.01
N GLN E 97 -14.88 5.14 34.44
CA GLN E 97 -15.93 6.03 34.91
C GLN E 97 -16.43 5.62 36.31
N LYS E 98 -16.60 4.31 36.51
CA LYS E 98 -17.00 3.78 37.82
C LYS E 98 -15.87 3.89 38.84
N TYR E 99 -14.62 3.86 38.37
CA TYR E 99 -13.46 4.05 39.23
C TYR E 99 -13.34 5.51 39.68
N PHE E 100 -13.45 6.43 38.72
CA PHE E 100 -13.32 7.87 38.98
C PHE E 100 -14.38 8.38 39.95
N VAL E 101 -15.63 7.98 39.72
CA VAL E 101 -16.76 8.37 40.59
C VAL E 101 -16.67 7.68 41.96
N GLY E 102 -16.25 6.41 41.95
CA GLY E 102 -16.08 5.63 43.17
C GLY E 102 -14.93 6.12 44.05
N TYR E 103 -13.98 6.83 43.45
CA TYR E 103 -12.82 7.36 44.16
C TYR E 103 -13.19 8.61 44.96
N LEU E 104 -14.19 9.35 44.47
CA LEU E 104 -14.63 10.60 45.10
C LEU E 104 -15.46 10.35 46.36
N GLY E 105 -16.12 9.19 46.42
CA GLY E 105 -16.94 8.82 47.55
C GLY E 105 -16.59 7.45 48.11
N PRO E 112 -12.00 2.10 45.90
CA PRO E 112 -11.04 1.56 44.95
C PRO E 112 -9.61 2.01 45.23
N GLY E 113 -8.63 1.18 44.88
CA GLY E 113 -7.23 1.47 45.12
C GLY E 113 -6.59 2.29 44.01
N TYR E 114 -5.36 1.92 43.66
CA TYR E 114 -4.57 2.62 42.64
C TYR E 114 -4.75 2.00 41.25
N ILE E 115 -4.63 0.68 41.18
CA ILE E 115 -4.77 -0.07 39.93
C ILE E 115 -6.23 -0.40 39.66
N PHE E 116 -6.67 -0.14 38.43
CA PHE E 116 -8.02 -0.45 37.97
C PHE E 116 -7.99 -1.06 36.57
N GLY E 117 -9.03 -1.81 36.23
CA GLY E 117 -9.14 -2.48 34.93
C GLY E 117 -7.94 -3.35 34.61
N LYS E 118 -7.38 -3.97 35.64
CA LYS E 118 -6.17 -4.80 35.54
C LYS E 118 -6.29 -5.90 34.48
N ARG E 119 -7.45 -6.55 34.43
CA ARG E 119 -7.66 -7.68 33.54
C ARG E 119 -7.93 -7.28 32.09
N ILE E 120 -8.48 -6.08 31.91
CA ILE E 120 -8.65 -5.48 30.58
C ILE E 120 -7.28 -5.26 29.93
N ILE E 121 -6.39 -4.60 30.67
CA ILE E 121 -5.02 -4.34 30.22
C ILE E 121 -4.27 -5.65 29.93
N LEU E 122 -4.48 -6.65 30.78
CA LEU E 122 -3.87 -7.97 30.62
C LEU E 122 -4.41 -8.71 29.39
N PHE E 123 -5.71 -8.57 29.14
CA PHE E 123 -6.36 -9.19 27.98
C PHE E 123 -5.87 -8.59 26.66
N LEU E 124 -5.74 -7.27 26.63
CA LEU E 124 -5.22 -6.54 25.47
C LEU E 124 -3.76 -6.86 25.23
N PHE E 125 -3.00 -7.03 26.32
CA PHE E 125 -1.60 -7.45 26.26
C PHE E 125 -1.47 -8.85 25.65
N LEU E 126 -2.38 -9.75 26.04
CA LEU E 126 -2.38 -11.13 25.55
C LEU E 126 -2.78 -11.24 24.08
N MET E 127 -3.71 -10.41 23.66
CA MET E 127 -4.08 -10.30 22.24
C MET E 127 -2.87 -9.86 21.40
N SER E 128 -2.12 -8.89 21.92
CA SER E 128 -0.92 -8.38 21.26
C SER E 128 0.15 -9.44 21.07
N VAL E 129 0.34 -10.27 22.10
CA VAL E 129 1.29 -11.39 22.05
C VAL E 129 0.82 -12.44 21.06
N ALA E 130 -0.48 -12.76 21.10
CA ALA E 130 -1.09 -13.71 20.17
C ALA E 130 -1.01 -13.24 18.72
N GLY E 131 -1.15 -11.92 18.52
CA GLY E 131 -1.03 -11.30 17.20
C GLY E 131 0.39 -11.40 16.66
N ILE E 132 1.36 -11.13 17.52
CA ILE E 132 2.78 -11.26 17.17
C ILE E 132 3.11 -12.72 16.82
N PHE E 133 2.58 -13.67 17.61
CA PHE E 133 2.73 -15.09 17.32
C PHE E 133 2.08 -15.48 15.99
N ASN E 134 0.92 -14.88 15.71
CA ASN E 134 0.24 -15.07 14.43
C ASN E 134 1.06 -14.55 13.25
N TYR E 135 1.66 -13.38 13.42
CA TYR E 135 2.55 -12.81 12.40
C TYR E 135 3.69 -13.76 12.04
N TYR E 136 4.34 -14.32 13.06
CA TYR E 136 5.50 -15.20 12.86
C TYR E 136 5.13 -16.53 12.21
N LEU E 137 3.95 -17.05 12.56
CA LEU E 137 3.45 -18.28 11.94
C LEU E 137 3.28 -18.09 10.44
N ILE E 138 2.65 -16.99 10.04
CA ILE E 138 2.46 -16.66 8.62
C ILE E 138 3.81 -16.36 7.96
N PHE E 139 4.71 -15.70 8.69
CA PHE E 139 6.04 -15.37 8.19
C PHE E 139 6.85 -16.64 7.86
N PHE E 140 6.88 -17.58 8.79
CA PHE E 140 7.62 -18.83 8.60
C PHE E 140 6.96 -19.76 7.59
N PHE E 141 5.63 -19.79 7.58
CA PHE E 141 4.86 -20.57 6.61
C PHE E 141 5.11 -20.09 5.17
N GLY E 142 5.14 -18.77 5.00
CA GLY E 142 5.43 -18.17 3.70
C GLY E 142 6.88 -18.37 3.29
N SER E 143 7.77 -18.35 4.28
CA SER E 143 9.19 -18.61 4.06
C SER E 143 9.45 -20.08 3.73
N ASP E 144 8.58 -20.95 4.21
CA ASP E 144 8.62 -22.38 3.88
C ASP E 144 8.10 -22.62 2.47
N PHE E 145 7.01 -21.95 2.11
CA PHE E 145 6.42 -22.03 0.78
C PHE E 145 7.40 -21.54 -0.29
N GLU E 146 8.07 -20.43 0.00
CA GLU E 146 9.06 -19.85 -0.92
C GLU E 146 10.19 -20.85 -1.22
N ASN E 147 10.82 -21.37 -0.16
CA ASN E 147 11.94 -22.31 -0.30
C ASN E 147 11.53 -23.63 -0.95
N TYR E 148 10.30 -24.06 -0.69
CA TYR E 148 9.72 -25.25 -1.32
C TYR E 148 9.54 -25.05 -2.83
N ILE E 149 8.89 -23.94 -3.21
CA ILE E 149 8.78 -23.54 -4.61
C ILE E 149 10.17 -23.44 -5.26
N ALA E 150 11.11 -22.87 -4.53
CA ALA E 150 12.49 -22.73 -5.00
C ALA E 150 13.15 -24.09 -5.26
N THR E 151 12.90 -25.05 -4.37
CA THR E 151 13.47 -26.40 -4.48
C THR E 151 12.99 -27.12 -5.75
N ILE E 152 11.69 -27.09 -5.99
CA ILE E 152 11.09 -27.68 -7.19
C ILE E 152 11.60 -27.00 -8.46
N SER E 153 11.63 -25.67 -8.44
CA SER E 153 12.04 -24.87 -9.60
C SER E 153 13.46 -25.18 -10.05
N THR E 154 14.36 -25.34 -9.08
CA THR E 154 15.76 -25.70 -9.36
C THR E 154 15.85 -27.10 -9.97
N THR E 155 15.22 -28.08 -9.34
CA THR E 155 15.27 -29.47 -9.78
C THR E 155 14.67 -29.68 -11.18
N ILE E 156 13.54 -29.03 -11.43
CA ILE E 156 12.79 -29.21 -12.68
C ILE E 156 13.36 -28.41 -13.86
N SER E 157 14.21 -27.43 -13.57
CA SER E 157 14.68 -26.49 -14.60
C SER E 157 15.36 -27.10 -15.83
N PRO E 158 16.24 -28.12 -15.66
CA PRO E 158 16.84 -28.72 -16.85
C PRO E 158 15.84 -29.42 -17.78
N LEU E 159 14.76 -29.96 -17.21
CA LEU E 159 13.69 -30.58 -17.97
C LEU E 159 12.92 -29.59 -18.85
N LEU E 160 12.88 -28.34 -18.40
CA LEU E 160 12.12 -27.28 -19.09
C LEU E 160 12.74 -26.87 -20.42
N LEU E 161 14.05 -27.07 -20.55
CA LEU E 161 14.78 -26.72 -21.78
C LEU E 161 14.53 -27.70 -22.93
N ILE E 162 14.01 -28.89 -22.60
CA ILE E 162 13.74 -29.92 -23.60
C ILE E 162 12.44 -29.64 -24.35
N LEU F 3 -3.87 -4.93 9.84
CA LEU F 3 -2.59 -4.62 9.12
C LEU F 3 -2.09 -5.79 8.29
N ASP F 4 -1.37 -5.48 7.21
CA ASP F 4 -0.80 -6.50 6.33
C ASP F 4 0.57 -6.98 6.82
N GLN F 5 0.95 -8.17 6.36
CA GLN F 5 2.15 -8.87 6.82
C GLN F 5 3.46 -8.09 6.67
N GLU F 6 3.60 -7.35 5.57
CA GLU F 6 4.82 -6.60 5.28
C GLU F 6 4.99 -5.40 6.22
N THR F 7 3.88 -4.74 6.55
CA THR F 7 3.86 -3.59 7.44
C THR F 7 4.18 -4.00 8.88
N VAL F 8 3.62 -5.12 9.32
CA VAL F 8 3.85 -5.63 10.67
C VAL F 8 5.35 -5.91 10.88
N GLY F 9 6.00 -6.49 9.88
CA GLY F 9 7.44 -6.76 9.91
C GLY F 9 8.29 -5.53 10.20
N ASN F 10 7.78 -4.36 9.83
CA ASN F 10 8.46 -3.09 10.10
C ASN F 10 8.20 -2.54 11.51
N VAL F 11 7.26 -3.15 12.22
CA VAL F 11 6.87 -2.67 13.56
C VAL F 11 6.96 -3.71 14.70
N VAL F 12 7.25 -4.97 14.36
CA VAL F 12 7.28 -6.06 15.34
C VAL F 12 8.23 -5.79 16.51
N LEU F 13 9.49 -5.50 16.19
CA LEU F 13 10.51 -5.20 17.20
C LEU F 13 10.12 -4.03 18.10
N LEU F 14 9.56 -2.99 17.49
CA LEU F 14 9.08 -1.82 18.23
C LEU F 14 7.88 -2.18 19.09
N ALA F 15 7.02 -3.06 18.58
CA ALA F 15 5.84 -3.52 19.32
C ALA F 15 6.20 -4.43 20.49
N ILE F 16 7.28 -5.21 20.33
CA ILE F 16 7.78 -6.06 21.42
C ILE F 16 8.31 -5.20 22.57
N VAL F 17 9.18 -4.25 22.24
CA VAL F 17 9.77 -3.32 23.21
C VAL F 17 8.67 -2.54 23.96
N THR F 18 7.64 -2.13 23.24
CA THR F 18 6.50 -1.42 23.82
C THR F 18 5.75 -2.32 24.81
N LEU F 19 5.58 -3.59 24.44
CA LEU F 19 4.88 -4.55 25.30
C LEU F 19 5.65 -4.87 26.58
N ILE F 20 6.99 -4.90 26.48
CA ILE F 20 7.84 -5.12 27.65
C ILE F 20 7.77 -3.90 28.58
N SER F 21 7.74 -2.70 28.00
CA SER F 21 7.58 -1.46 28.76
C SER F 21 6.21 -1.40 29.46
N VAL F 22 5.20 -2.01 28.85
CA VAL F 22 3.87 -2.14 29.47
C VAL F 22 3.95 -3.00 30.74
N VAL F 23 4.68 -4.11 30.65
CA VAL F 23 4.94 -4.98 31.80
C VAL F 23 5.73 -4.23 32.88
N GLN F 24 6.71 -3.44 32.46
CA GLN F 24 7.50 -2.62 33.38
C GLN F 24 6.65 -1.55 34.04
N ASN F 25 5.75 -0.93 33.28
CA ASN F 25 4.78 0.01 33.82
C ASN F 25 3.86 -0.65 34.84
N GLY F 26 3.40 -1.86 34.52
CA GLY F 26 2.54 -2.64 35.40
C GLY F 26 3.26 -3.09 36.66
N PHE F 27 4.55 -3.37 36.52
CA PHE F 27 5.40 -3.75 37.65
C PHE F 27 5.60 -2.59 38.62
N PHE F 28 5.76 -1.38 38.06
CA PHE F 28 5.92 -0.18 38.88
C PHE F 28 4.62 0.18 39.60
N ALA F 29 3.49 0.05 38.91
CA ALA F 29 2.17 0.32 39.47
C ALA F 29 1.82 -0.66 40.59
N HIS F 30 2.31 -1.89 40.46
CA HIS F 30 2.17 -2.93 41.49
C HIS F 30 2.93 -2.55 42.75
N LYS F 31 4.14 -2.02 42.58
CA LYS F 31 4.99 -1.59 43.68
C LYS F 31 4.38 -0.43 44.48
N VAL F 32 3.49 0.32 43.84
CA VAL F 32 2.78 1.44 44.46
C VAL F 32 1.52 0.95 45.17
N GLU F 33 0.77 0.06 44.52
CA GLU F 33 -0.44 -0.53 45.07
C GLU F 33 -0.20 -1.22 46.41
N HIS F 34 0.97 -1.87 46.53
CA HIS F 34 1.37 -2.60 47.73
C HIS F 34 1.57 -1.67 48.93
N GLU F 35 2.16 -0.50 48.68
CA GLU F 35 2.41 0.48 49.73
C GLU F 35 1.18 1.35 50.00
N SER F 36 0.25 1.39 49.04
CA SER F 36 -0.97 2.16 49.16
C SER F 36 -1.94 1.50 50.14
N THR F 49 4.08 9.02 53.69
CA THR F 49 4.46 8.09 54.74
C THR F 49 5.76 7.33 54.41
N LEU F 50 6.79 8.10 54.05
CA LEU F 50 8.17 7.61 53.80
C LEU F 50 8.29 6.51 52.74
N ALA F 51 7.84 5.30 53.07
CA ALA F 51 7.92 4.15 52.17
C ALA F 51 7.03 4.29 50.94
N PHE F 52 5.87 4.91 51.12
CA PHE F 52 4.94 5.16 50.02
C PHE F 52 5.40 6.35 49.15
N GLU F 53 5.93 7.39 49.80
CA GLU F 53 6.39 8.59 49.10
C GLU F 53 7.53 8.32 48.12
N ARG F 54 8.47 7.46 48.51
CA ARG F 54 9.63 7.14 47.68
C ARG F 54 9.24 6.33 46.43
N VAL F 55 8.27 5.43 46.58
CA VAL F 55 7.81 4.58 45.48
C VAL F 55 6.81 5.30 44.56
N TYR F 56 6.00 6.19 45.14
CA TYR F 56 5.02 6.97 44.38
C TYR F 56 5.72 8.02 43.51
N THR F 57 6.74 8.66 44.05
CA THR F 57 7.53 9.65 43.30
C THR F 57 8.29 8.97 42.16
N ALA F 58 8.92 7.83 42.46
CA ALA F 58 9.67 7.06 41.47
C ALA F 58 8.76 6.60 40.31
N ASN F 59 7.56 6.14 40.65
CA ASN F 59 6.55 5.78 39.65
C ASN F 59 6.11 7.00 38.86
N GLN F 60 5.92 8.12 39.56
CA GLN F 60 5.49 9.38 38.95
C GLN F 60 6.57 9.90 37.98
N ASN F 61 7.84 9.76 38.37
CA ASN F 61 8.96 10.15 37.52
C ASN F 61 9.04 9.33 36.24
N CYS F 62 8.75 8.02 36.36
CA CYS F 62 8.72 7.11 35.22
C CYS F 62 7.54 7.38 34.29
N VAL F 63 6.36 7.55 34.88
CA VAL F 63 5.12 7.85 34.15
C VAL F 63 5.20 9.17 33.38
N ASP F 64 5.82 10.19 33.99
CA ASP F 64 5.95 11.51 33.37
C ASP F 64 6.73 11.49 32.05
N ALA F 65 7.79 10.68 32.01
CA ALA F 65 8.71 10.64 30.88
C ALA F 65 8.33 9.63 29.79
N TYR F 66 7.44 8.70 30.14
CA TYR F 66 7.08 7.58 29.28
C TYR F 66 6.47 7.94 27.92
N PRO F 67 5.53 8.93 27.88
CA PRO F 67 4.95 9.32 26.59
C PRO F 67 5.98 9.96 25.65
N THR F 68 6.93 10.70 26.23
CA THR F 68 8.02 11.27 25.46
C THR F 68 8.92 10.16 24.90
N PHE F 69 9.20 9.17 25.73
CA PHE F 69 9.97 7.99 25.32
C PHE F 69 9.26 7.22 24.20
N LEU F 70 7.96 7.00 24.36
CA LEU F 70 7.15 6.25 23.41
C LEU F 70 7.07 6.99 22.07
N ALA F 71 6.97 8.31 22.14
CA ALA F 71 6.94 9.15 20.95
C ALA F 71 8.23 9.05 20.14
N VAL F 72 9.38 9.11 20.81
CA VAL F 72 10.68 9.04 20.12
C VAL F 72 11.11 7.63 19.74
N LEU F 73 10.60 6.63 20.47
CA LEU F 73 10.87 5.23 20.13
C LEU F 73 10.24 4.89 18.78
N TRP F 74 8.98 5.25 18.62
CA TRP F 74 8.25 4.97 17.39
C TRP F 74 8.65 5.89 16.24
N SER F 75 8.93 7.15 16.53
CA SER F 75 9.40 8.09 15.52
C SER F 75 10.72 7.62 14.91
N ALA F 76 11.66 7.22 15.76
CA ALA F 76 12.95 6.71 15.30
C ALA F 76 12.82 5.39 14.54
N GLY F 77 11.97 4.50 15.05
CA GLY F 77 11.79 3.18 14.45
C GLY F 77 11.08 3.19 13.11
N LEU F 78 10.11 4.10 12.97
CA LEU F 78 9.31 4.19 11.74
C LEU F 78 9.98 5.05 10.65
N LEU F 79 10.56 6.18 11.06
CA LEU F 79 11.12 7.14 10.12
C LEU F 79 12.59 6.88 9.76
N CYS F 80 13.32 6.23 10.66
CA CYS F 80 14.75 5.99 10.45
C CYS F 80 15.06 4.51 10.21
N SER F 81 15.17 3.75 11.30
CA SER F 81 15.48 2.31 11.22
C SER F 81 14.92 1.57 12.43
N GLN F 82 14.40 0.37 12.21
CA GLN F 82 13.69 -0.38 13.24
C GLN F 82 14.59 -1.00 14.31
N VAL F 83 15.68 -1.65 13.88
CA VAL F 83 16.57 -2.38 14.78
C VAL F 83 17.29 -1.49 15.81
N PRO F 84 17.98 -0.42 15.35
CA PRO F 84 18.69 0.45 16.30
C PRO F 84 17.77 1.14 17.32
N ALA F 85 16.55 1.47 16.90
CA ALA F 85 15.59 2.12 17.78
C ALA F 85 15.06 1.16 18.85
N ALA F 86 14.77 -0.08 18.44
CA ALA F 86 14.29 -1.11 19.36
C ALA F 86 15.38 -1.55 20.34
N PHE F 87 16.63 -1.56 19.87
CA PHE F 87 17.78 -1.89 20.71
C PHE F 87 18.02 -0.80 21.76
N ALA F 88 17.96 0.46 21.33
CA ALA F 88 18.10 1.61 22.24
C ALA F 88 16.90 1.75 23.17
N GLY F 89 15.72 1.35 22.69
CA GLY F 89 14.51 1.36 23.49
C GLY F 89 14.53 0.31 24.58
N LEU F 90 15.12 -0.84 24.27
CA LEU F 90 15.27 -1.94 25.24
C LEU F 90 16.28 -1.56 26.32
N MET F 91 17.31 -0.81 25.93
CA MET F 91 18.31 -0.28 26.87
C MET F 91 17.68 0.70 27.85
N TYR F 92 16.77 1.54 27.35
CA TYR F 92 16.01 2.48 28.16
C TYR F 92 15.29 1.77 29.31
N LEU F 93 14.69 0.62 29.00
CA LEU F 93 13.93 -0.17 29.97
C LEU F 93 14.82 -0.73 31.07
N PHE F 94 16.06 -1.07 30.73
CA PHE F 94 17.05 -1.51 31.72
C PHE F 94 17.52 -0.37 32.61
N VAL F 95 17.67 0.81 32.02
CA VAL F 95 18.02 2.03 32.76
C VAL F 95 16.87 2.45 33.67
N ARG F 96 15.64 2.25 33.21
CA ARG F 96 14.44 2.52 34.01
C ARG F 96 14.40 1.67 35.27
N GLN F 97 14.75 0.39 35.13
CA GLN F 97 14.74 -0.55 36.24
C GLN F 97 15.80 -0.18 37.29
N LYS F 98 16.99 0.20 36.82
CA LYS F 98 18.07 0.63 37.70
C LYS F 98 17.73 1.92 38.44
N TYR F 99 17.06 2.83 37.73
CA TYR F 99 16.60 4.10 38.30
C TYR F 99 15.52 3.89 39.37
N PHE F 100 14.61 2.96 39.10
CA PHE F 100 13.49 2.67 40.00
C PHE F 100 13.93 1.92 41.25
N VAL F 101 14.81 0.93 41.07
CA VAL F 101 15.32 0.13 42.18
C VAL F 101 16.29 0.91 43.07
N GLY F 102 17.03 1.83 42.46
CA GLY F 102 17.97 2.69 43.19
C GLY F 102 17.31 3.87 43.88
N TYR F 103 16.01 4.05 43.63
CA TYR F 103 15.24 5.15 44.21
C TYR F 103 14.64 4.75 45.56
N LEU F 104 14.08 3.53 45.61
CA LEU F 104 13.47 3.01 46.84
C LEU F 104 14.45 2.17 47.67
N GLY F 105 15.53 1.73 47.04
CA GLY F 105 16.54 0.90 47.71
C GLY F 105 17.83 1.66 47.99
N PRO F 112 20.07 10.28 40.28
CA PRO F 112 18.64 10.09 40.49
C PRO F 112 18.15 10.77 41.78
N GLY F 113 17.58 11.97 41.65
CA GLY F 113 17.42 12.65 40.36
C GLY F 113 16.02 12.47 39.78
N TYR F 114 15.57 13.48 39.03
CA TYR F 114 14.27 13.44 38.37
C TYR F 114 14.36 12.83 36.98
N ILE F 115 15.31 13.31 36.18
CA ILE F 115 15.51 12.83 34.81
C ILE F 115 16.43 11.62 34.75
N PHE F 116 16.13 10.72 33.80
CA PHE F 116 16.92 9.51 33.58
C PHE F 116 16.92 9.12 32.11
N GLY F 117 18.04 8.58 31.65
CA GLY F 117 18.21 8.16 30.25
C GLY F 117 18.13 9.33 29.28
N LYS F 118 18.77 10.45 29.64
CA LYS F 118 18.81 11.65 28.80
C LYS F 118 19.47 11.39 27.45
N ARG F 119 20.52 10.58 27.45
CA ARG F 119 21.28 10.25 26.24
C ARG F 119 20.51 9.34 25.29
N ILE F 120 19.72 8.42 25.86
CA ILE F 120 18.89 7.50 25.09
C ILE F 120 17.75 8.25 24.38
N ILE F 121 17.07 9.13 25.11
CA ILE F 121 16.00 9.97 24.56
C ILE F 121 16.57 10.90 23.48
N LEU F 122 17.80 11.37 23.68
CA LEU F 122 18.48 12.23 22.72
C LEU F 122 18.88 11.45 21.46
N PHE F 123 19.28 10.19 21.64
CA PHE F 123 19.67 9.32 20.52
C PHE F 123 18.48 8.94 19.64
N LEU F 124 17.35 8.61 20.28
CA LEU F 124 16.11 8.29 19.57
C LEU F 124 15.56 9.52 18.85
N PHE F 125 15.73 10.69 19.46
CA PHE F 125 15.35 11.96 18.84
C PHE F 125 16.21 12.27 17.62
N LEU F 126 17.51 12.01 17.74
CA LEU F 126 18.47 12.31 16.67
C LEU F 126 18.27 11.39 15.47
N MET F 127 17.89 10.14 15.74
CA MET F 127 17.50 9.18 14.70
C MET F 127 16.29 9.70 13.92
N SER F 128 15.32 10.25 14.63
CA SER F 128 14.09 10.76 14.04
C SER F 128 14.36 11.96 13.12
N VAL F 129 15.28 12.83 13.53
CA VAL F 129 15.70 13.97 12.72
C VAL F 129 16.44 13.49 11.47
N ALA F 130 17.31 12.50 11.65
CA ALA F 130 18.06 11.90 10.54
C ALA F 130 17.14 11.20 9.54
N GLY F 131 16.11 10.54 10.07
CA GLY F 131 15.11 9.86 9.24
C GLY F 131 14.26 10.81 8.42
N ILE F 132 13.92 11.95 9.02
CA ILE F 132 13.18 13.01 8.33
C ILE F 132 14.05 13.66 7.23
N PHE F 133 15.32 13.90 7.54
CA PHE F 133 16.27 14.40 6.55
C PHE F 133 16.44 13.42 5.41
N ASN F 134 16.44 12.13 5.73
CA ASN F 134 16.48 11.05 4.75
C ASN F 134 15.29 11.08 3.80
N TYR F 135 14.08 11.27 4.36
CA TYR F 135 12.86 11.37 3.56
C TYR F 135 12.96 12.48 2.52
N TYR F 136 13.35 13.67 2.95
CA TYR F 136 13.44 14.82 2.06
C TYR F 136 14.51 14.66 0.99
N LEU F 137 15.64 14.04 1.36
CA LEU F 137 16.71 13.74 0.41
C LEU F 137 16.25 12.80 -0.70
N ILE F 138 15.42 11.82 -0.36
CA ILE F 138 14.84 10.89 -1.33
C ILE F 138 13.74 11.59 -2.13
N PHE F 139 12.93 12.40 -1.46
CA PHE F 139 11.83 13.14 -2.09
C PHE F 139 12.32 14.10 -3.16
N PHE F 140 13.34 14.90 -2.84
CA PHE F 140 13.90 15.88 -3.79
C PHE F 140 14.66 15.20 -4.93
N PHE F 141 15.31 14.08 -4.63
CA PHE F 141 15.99 13.27 -5.64
C PHE F 141 14.99 12.73 -6.67
N GLY F 142 13.86 12.24 -6.18
CA GLY F 142 12.79 11.72 -7.03
C GLY F 142 12.06 12.81 -7.79
N SER F 143 11.92 13.98 -7.16
CA SER F 143 11.29 15.14 -7.77
C SER F 143 12.14 15.72 -8.90
N ASP F 144 13.47 15.69 -8.72
CA ASP F 144 14.41 16.13 -9.74
C ASP F 144 14.43 15.15 -10.91
N PHE F 145 14.37 13.86 -10.60
CA PHE F 145 14.28 12.80 -11.60
C PHE F 145 13.04 12.96 -12.49
N GLU F 146 11.90 13.24 -11.85
CA GLU F 146 10.64 13.49 -12.56
C GLU F 146 10.78 14.68 -13.52
N ASN F 147 11.40 15.75 -13.03
CA ASN F 147 11.64 16.96 -13.83
C ASN F 147 12.63 16.73 -14.96
N TYR F 148 13.64 15.90 -14.70
CA TYR F 148 14.65 15.52 -15.69
C TYR F 148 14.03 14.72 -16.84
N ILE F 149 13.11 13.81 -16.49
CA ILE F 149 12.40 13.00 -17.48
C ILE F 149 11.41 13.85 -18.28
N ALA F 150 10.68 14.71 -17.59
CA ALA F 150 9.69 15.59 -18.22
C ALA F 150 10.29 16.57 -19.22
N THR F 151 11.50 17.06 -18.92
CA THR F 151 12.19 18.00 -19.81
C THR F 151 12.66 17.31 -21.08
N ILE F 152 13.27 16.14 -20.94
CA ILE F 152 13.72 15.36 -22.10
C ILE F 152 12.53 14.95 -22.96
N SER F 153 11.47 14.46 -22.31
CA SER F 153 10.26 14.02 -23.00
C SER F 153 9.70 15.11 -23.90
N THR F 154 9.57 16.32 -23.34
CA THR F 154 9.06 17.48 -24.07
C THR F 154 9.99 17.85 -25.24
N THR F 155 11.30 17.84 -24.97
CA THR F 155 12.29 18.25 -25.96
C THR F 155 12.28 17.36 -27.22
N ILE F 156 12.44 16.06 -27.02
CA ILE F 156 12.52 15.11 -28.15
C ILE F 156 11.15 14.66 -28.68
N SER F 157 10.08 15.16 -28.08
CA SER F 157 8.71 14.79 -28.44
C SER F 157 8.41 14.86 -29.95
N PRO F 158 8.71 16.01 -30.62
CA PRO F 158 8.41 16.10 -32.05
C PRO F 158 9.14 15.06 -32.92
N LEU F 159 10.32 14.65 -32.47
CA LEU F 159 11.13 13.67 -33.22
C LEU F 159 10.52 12.26 -33.21
N LEU F 160 9.66 12.00 -32.23
CA LEU F 160 9.06 10.67 -32.08
C LEU F 160 7.97 10.37 -33.11
N LEU F 161 7.45 11.41 -33.76
CA LEU F 161 6.39 11.27 -34.77
C LEU F 161 6.93 10.97 -36.17
N ILE F 162 8.26 10.97 -36.32
CA ILE F 162 8.91 10.73 -37.61
C ILE F 162 9.21 9.23 -37.81
N PRO F 163 8.75 8.66 -38.94
CA PRO F 163 8.98 7.25 -39.30
C PRO F 163 10.47 6.87 -39.35
N GLU F 164 10.75 5.64 -38.92
CA GLU F 164 12.12 5.10 -38.78
C GLU F 164 12.97 5.85 -37.74
N GLY F 165 14.17 5.34 -37.48
CA GLY F 165 15.06 5.96 -36.50
C GLY F 165 16.27 5.10 -36.14
N HIS F 166 16.57 5.06 -34.84
CA HIS F 166 17.74 4.33 -34.33
C HIS F 166 17.42 2.88 -33.97
N HIS F 167 18.39 2.21 -33.35
CA HIS F 167 18.24 0.82 -32.91
C HIS F 167 18.66 0.66 -31.45
N HIS F 168 18.55 -0.57 -30.94
CA HIS F 168 18.96 -0.87 -29.57
C HIS F 168 20.47 -0.98 -29.45
C7 QY1 G . 1.04 -20.90 -29.40
C6 QY1 G . -0.06 -26.23 -25.35
C1 QY1 G . -0.77 -19.31 -29.33
C5 QY1 G . 0.46 -26.54 -23.02
C4 QY1 G . -0.08 -20.61 -25.91
C3 QY1 G . -0.87 -19.50 -27.96
C2 QY1 G . 0.18 -20.01 -30.06
C8 QY1 G . 1.26 -25.40 -23.04
C9 QY1 G . 0.75 -25.09 -25.38
C10 QY1 G . 0.79 -21.49 -25.28
C11 QY1 G . -0.01 -20.39 -27.30
C12 QY1 G . -0.20 -26.96 -24.17
C13 QY1 G . 0.97 -21.10 -28.02
C14 QY1 G . 1.40 -24.67 -24.21
C15 QY1 G . 1.71 -22.15 -26.09
C16 QY1 G . -0.63 -29.28 -25.12
C17 QY1 G . -4.70 -28.97 -23.56
C18 QY1 G . -4.59 -27.55 -22.99
C19 QY1 G . -3.36 -29.26 -24.26
C20 QY1 G . -3.10 -27.22 -23.00
C21 QY1 G . -2.56 -27.96 -24.23
C22 QY1 G . 2.68 -23.12 -25.49
C23 QY1 G . -1.07 -28.21 -24.12
N24 QY1 G . 1.80 -21.96 -27.43
O25 QY1 G . 0.03 -30.27 -24.83
O26 QY1 G . -1.04 -29.04 -26.38
O27 QY1 G . 2.19 -23.56 -24.23
C7 QY1 H . 6.43 -5.46 -34.97
C6 QY1 H . 12.25 -2.51 -33.95
C1 QY1 H . 6.28 -7.52 -33.71
C5 QY1 H . 12.98 -0.87 -32.35
C4 QY1 H . 7.82 -4.87 -31.62
C3 QY1 H . 6.86 -6.88 -32.62
C2 QY1 H . 6.06 -6.81 -34.89
C8 QY1 H . 11.66 -0.65 -31.97
C9 QY1 H . 10.92 -2.30 -33.57
C10 QY1 H . 8.17 -3.53 -31.73
C11 QY1 H . 7.23 -5.53 -32.70
C12 QY1 H . 13.28 -1.81 -33.33
C13 QY1 H . 7.01 -4.80 -33.89
C14 QY1 H . 10.63 -1.36 -32.58
C15 QY1 H . 7.92 -2.90 -32.92
C16 QY1 H . 14.99 -1.72 -35.20
C17 QY1 H . 17.24 -4.68 -32.70
C18 QY1 H . 16.15 -4.86 -31.64
C19 QY1 H . 16.81 -3.49 -33.57
C20 QY1 H . 15.16 -3.71 -31.86
C21 QY1 H . 15.30 -3.40 -33.35
C22 QY1 H . 8.29 -1.45 -33.10
C23 QY1 H . 14.74 -2.04 -33.73
N24 QY1 H . 7.35 -3.51 -34.00
O25 QY1 H . 15.31 -0.62 -35.64
O26 QY1 H . 14.83 -2.81 -35.99
O27 QY1 H . 9.34 -1.13 -32.20
CA CA I . -1.01 -12.56 -35.00
C7 QY1 J . -10.92 -8.77 -32.96
C6 QY1 J . -15.56 -4.00 -32.61
C1 QY1 J . -8.70 -8.05 -33.58
C5 QY1 J . -16.88 -3.92 -30.59
C4 QY1 J . -10.03 -5.86 -30.91
C3 QY1 J . -8.78 -7.03 -32.64
C2 QY1 J . -9.77 -8.93 -33.74
C8 QY1 J . -16.22 -5.05 -30.11
C9 QY1 J . -14.90 -5.12 -32.13
C10 QY1 J . -11.19 -5.73 -30.14
C11 QY1 J . -9.93 -6.88 -31.86
C12 QY1 J . -16.55 -3.39 -31.84
C13 QY1 J . -11.03 -7.76 -32.01
C14 QY1 J . -15.23 -5.65 -30.88
C15 QY1 J . -12.19 -6.65 -30.36
C16 QY1 J . -18.09 -2.46 -33.62
C17 QY1 J . -14.58 0.19 -33.58
C18 QY1 J . -15.85 1.04 -33.76
C19 QY1 J . -15.08 -1.21 -33.19
C20 QY1 J . -17.03 0.12 -33.45
C21 QY1 J . -16.42 -0.93 -32.52
C22 QY1 J . -13.46 -6.55 -29.56
C23 QY1 J . -17.30 -2.16 -32.35
N24 QY1 J . -12.14 -7.65 -31.27
O25 QY1 J . -19.30 -2.27 -33.76
O26 QY1 J . -17.32 -3.00 -34.59
O27 QY1 J . -14.58 -6.76 -30.41
C7 QY1 K . -5.73 17.81 31.25
C6 QY1 K . -11.70 20.00 28.49
C1 QY1 K . -5.87 15.42 31.50
C5 QY1 K . -12.24 20.36 26.16
C4 QY1 K . -7.60 16.48 28.39
C3 QY1 K . -6.58 15.35 30.31
C2 QY1 K . -5.43 16.65 31.98
C8 QY1 K . -10.89 20.26 25.83
C9 QY1 K . -10.34 19.90 28.16
C10 QY1 K . -7.87 17.65 27.70
C11 QY1 K . -6.87 16.51 29.59
C12 QY1 K . -12.65 20.23 27.49
C13 QY1 K . -6.44 17.77 30.06
C14 QY1 K . -9.94 20.03 26.83
C15 QY1 K . -7.40 18.83 28.24
C16 QY1 K . -14.41 21.62 28.64
C17 QY1 K . -16.67 17.91 29.19
C18 QY1 K . -15.77 17.00 28.37
C19 QY1 K . -16.13 19.32 29.01
C20 QY1 K . -14.79 17.91 27.64
C21 QY1 K . -14.69 19.14 28.55
C22 QY1 K . -7.66 20.13 27.53
C23 QY1 K . -14.12 20.35 27.84
N24 QY1 K . -6.70 18.91 29.40
O25 QY1 K . -14.93 22.64 28.20
O26 QY1 K . -14.01 21.52 29.93
O27 QY1 K . -8.62 19.93 26.49
CA CA L . 2.12 12.97 36.15
C7 QY1 M . -0.95 2.59 36.20
C6 QY1 M . -0.77 -4.23 36.31
C1 QY1 M . 1.20 2.99 35.20
C5 QY1 M . -1.90 -5.84 34.91
C4 QY1 M . -0.19 -0.23 33.97
C3 QY1 M . 1.09 1.79 34.50
C2 QY1 M . 0.18 3.39 36.05
C8 QY1 M . -2.76 -4.83 34.45
C9 QY1 M . -1.62 -3.22 35.85
C10 QY1 M . -1.32 -1.01 34.14
C11 QY1 M . -0.05 0.99 34.65
C12 QY1 M . -0.91 -5.53 35.85
C13 QY1 M . -1.10 1.38 35.52
C14 QY1 M . -2.62 -3.53 34.91
C15 QY1 M . -2.29 -0.54 35.01
C16 QY1 M . -0.55 -7.33 37.59
C17 QY1 M . 2.47 -7.88 37.90
C18 QY1 M . 2.94 -8.00 36.45
C19 QY1 M . 1.92 -6.47 38.05
C20 QY1 M . 2.49 -6.72 35.74
C21 QY1 M . 1.43 -6.12 36.64
C22 QY1 M . -3.54 -1.34 35.22
C23 QY1 M . 0.02 -6.62 36.36
N24 QY1 M . -2.20 0.63 35.69
O25 QY1 M . 0.09 -7.68 38.57
O26 QY1 M . -1.89 -7.55 37.48
O27 QY1 M . -3.45 -2.55 34.46
C7 QY1 N . 11.07 13.33 32.15
C6 QY1 N . 15.74 16.96 28.91
C1 QY1 N . 8.91 14.38 31.96
C5 QY1 N . 17.09 15.82 27.26
C4 QY1 N . 10.59 14.36 28.65
C3 QY1 N . 9.14 14.58 30.60
C2 QY1 N . 9.87 13.76 32.73
C8 QY1 N . 16.56 14.60 27.68
C9 QY1 N . 15.20 15.74 29.31
C10 QY1 N . 11.79 13.92 28.10
C11 QY1 N . 10.34 14.16 30.02
C12 QY1 N . 16.68 17.00 27.88
C13 QY1 N . 11.33 13.52 30.79
C14 QY1 N . 15.61 14.56 28.70
C15 QY1 N . 12.70 13.31 28.94
C16 QY1 N . 18.68 18.51 27.97
C17 QY1 N . 17.07 21.34 26.40
C18 QY1 N . 15.84 20.64 25.81
C19 QY1 N . 17.17 20.85 27.85
C20 QY1 N . 15.23 19.80 26.93
C21 QY1 N . 16.41 19.53 27.85
C22 QY1 N . 14.00 12.83 28.36
C23 QY1 N . 17.27 18.34 27.44
N24 QY1 N . 12.50 13.10 30.25
O25 QY1 N . 19.69 18.60 27.28
O26 QY1 N . 18.71 18.55 29.32
O27 QY1 N . 15.08 13.37 29.11
C1 BOG O . 16.81 9.00 -39.22
O1 BOG O . 18.01 9.54 -38.69
C2 BOG O . 16.01 10.12 -39.89
O2 BOG O . 15.66 11.11 -38.92
C3 BOG O . 14.75 9.59 -40.57
O3 BOG O . 14.17 10.62 -41.35
C4 BOG O . 15.05 8.38 -41.45
O4 BOG O . 13.80 7.77 -41.81
C5 BOG O . 15.96 7.35 -40.76
O5 BOG O . 17.10 7.98 -40.19
C6 BOG O . 16.44 6.30 -41.76
O6 BOG O . 16.02 5.00 -41.32
C1' BOG O . 18.63 8.68 -37.73
C2' BOG O . 19.09 9.50 -36.54
C3' BOG O . 20.54 9.93 -36.69
C4' BOG O . 21.12 10.39 -35.35
C5' BOG O . 22.20 11.45 -35.56
C6' BOG O . 21.97 12.63 -34.63
C7' BOG O . 23.12 13.62 -34.71
C8' BOG O . 22.66 15.04 -34.45
#